data_4RPJ
#
_entry.id   4RPJ
#
_cell.length_a   176.483
_cell.length_b   101.214
_cell.length_c   102.056
_cell.angle_alpha   90.00
_cell.angle_beta   109.23
_cell.angle_gamma   90.00
#
_symmetry.space_group_name_H-M   'C 1 2 1'
#
loop_
_entity.id
_entity.type
_entity.pdbx_description
1 polymer 'UDP-galactopyranose mutase'
2 non-polymer 'FLAVIN-ADENINE DINUCLEOTIDE'
3 non-polymer "URIDINE-5'-DIPHOSPHATE"
4 water water
#
_entity_poly.entity_id   1
_entity_poly.type   'polypeptide(L)'
_entity_poly.pdbx_seq_one_letter_code
;MQPMTARFDLFVVGSGFFGLTIAERVATQLDKRVLVLERRPHIGGNAYSEAEPQTGIEVHKYGAHLFHTSNKRVWDYVRQ
FTDFTDYRHRVFAMHNGQAYQFPMGLGLVSQFFGKYFTPEQARQLIAEQAAEIDTADAQNLEEKAISLIGRPLYEAFVKG
YTAKQWQTDPKELPAANITRLPVRYTFDNRYFSDTYEGLPTDGYTAWLQNMAADHRIEVRLNTDWFDVRGQLRPGSPAAP
VVYTGPLDRYFDYAEGRLGWRTLDFEVEVLPIGDFQGTAVMNYNDLDVPYTRIHEFRHFHPERDYRTDKTVIMREYSRFA
EDDDEPYYPINTEADRALLATYRARAKSETASSKVLFGGRLGTYQYLDMHMAIASALNMYDNVLAPHLRDGVPLLQDGA
;
_entity_poly.pdbx_strand_id   A,B,C
#
loop_
_chem_comp.id
_chem_comp.type
_chem_comp.name
_chem_comp.formula
FAD non-polymer 'FLAVIN-ADENINE DINUCLEOTIDE' 'C27 H33 N9 O15 P2'
UDP RNA linking URIDINE-5'-DIPHOSPHATE 'C9 H14 N2 O12 P2'
#
# COMPACT_ATOMS: atom_id res chain seq x y z
N MET A 4 0.20 -40.51 -10.62
CA MET A 4 -0.64 -41.41 -9.86
C MET A 4 -0.92 -40.87 -8.46
N THR A 5 -0.21 -39.80 -8.10
CA THR A 5 -0.42 -39.15 -6.81
C THR A 5 -1.59 -38.18 -6.87
N ALA A 6 -1.88 -37.53 -5.75
CA ALA A 6 -2.98 -36.58 -5.68
C ALA A 6 -2.59 -35.26 -6.34
N ARG A 7 -3.53 -34.67 -7.06
CA ARG A 7 -3.31 -33.39 -7.74
C ARG A 7 -3.09 -32.27 -6.74
N PHE A 8 -4.00 -32.15 -5.77
CA PHE A 8 -3.91 -31.10 -4.75
C PHE A 8 -3.84 -31.67 -3.35
N ASP A 9 -3.33 -30.87 -2.41
CA ASP A 9 -3.25 -31.29 -1.02
C ASP A 9 -4.38 -30.67 -0.20
N LEU A 10 -5.01 -29.64 -0.75
CA LEU A 10 -6.05 -28.91 -0.03
C LEU A 10 -6.96 -28.12 -0.97
N PHE A 11 -8.26 -28.13 -0.66
CA PHE A 11 -9.23 -27.32 -1.40
C PHE A 11 -9.76 -26.21 -0.50
N VAL A 12 -9.68 -24.97 -0.98
CA VAL A 12 -10.21 -23.83 -0.23
C VAL A 12 -11.30 -23.14 -1.02
N VAL A 13 -12.50 -23.08 -0.44
CA VAL A 13 -13.63 -22.45 -1.09
C VAL A 13 -13.80 -21.01 -0.61
N GLY A 14 -13.57 -20.06 -1.51
CA GLY A 14 -13.65 -18.65 -1.18
C GLY A 14 -12.27 -18.03 -1.05
N SER A 15 -12.09 -16.86 -1.67
CA SER A 15 -10.81 -16.19 -1.65
C SER A 15 -10.86 -14.93 -0.78
N GLY A 16 -11.64 -15.00 0.30
CA GLY A 16 -11.68 -13.93 1.28
C GLY A 16 -10.41 -13.95 2.13
N PHE A 17 -10.39 -13.15 3.19
CA PHE A 17 -9.22 -13.07 4.05
C PHE A 17 -8.97 -14.37 4.81
N PHE A 18 -10.05 -15.08 5.15
CA PHE A 18 -9.92 -16.35 5.84
C PHE A 18 -9.30 -17.39 4.90
N GLY A 19 -9.89 -17.53 3.72
CA GLY A 19 -9.44 -18.51 2.75
C GLY A 19 -8.01 -18.29 2.29
N LEU A 20 -7.67 -17.05 1.98
CA LEU A 20 -6.32 -16.73 1.48
C LEU A 20 -5.26 -16.93 2.55
N THR A 21 -5.61 -16.61 3.80
CA THR A 21 -4.70 -16.83 4.92
C THR A 21 -4.41 -18.32 5.08
N ILE A 22 -5.46 -19.13 4.98
CA ILE A 22 -5.31 -20.58 5.05
C ILE A 22 -4.44 -21.09 3.91
N ALA A 23 -4.74 -20.67 2.69
CA ALA A 23 -4.03 -21.12 1.51
C ALA A 23 -2.56 -20.68 1.54
N GLU A 24 -2.30 -19.48 2.04
CA GLU A 24 -0.95 -18.94 2.09
C GLU A 24 -0.08 -19.69 3.10
N ARG A 25 -0.69 -20.05 4.24
CA ARG A 25 0.04 -20.76 5.28
C ARG A 25 0.41 -22.17 4.84
N VAL A 26 -0.57 -22.89 4.29
CA VAL A 26 -0.36 -24.28 3.88
C VAL A 26 0.67 -24.36 2.74
N ALA A 27 0.63 -23.41 1.83
CA ALA A 27 1.52 -23.43 0.67
C ALA A 27 2.97 -23.08 1.04
N THR A 28 3.15 -22.04 1.84
CA THR A 28 4.49 -21.53 2.13
C THR A 28 5.17 -22.25 3.30
N GLN A 29 4.39 -22.71 4.27
CA GLN A 29 4.95 -23.31 5.48
C GLN A 29 5.01 -24.83 5.42
N LEU A 30 4.07 -25.43 4.70
CA LEU A 30 4.00 -26.89 4.62
C LEU A 30 4.40 -27.42 3.25
N ASP A 31 4.63 -26.51 2.31
CA ASP A 31 5.02 -26.85 0.95
C ASP A 31 4.00 -27.78 0.28
N LYS A 32 2.74 -27.35 0.30
CA LYS A 32 1.65 -28.13 -0.28
C LYS A 32 1.00 -27.39 -1.43
N ARG A 33 0.37 -28.13 -2.34
CA ARG A 33 -0.38 -27.51 -3.43
C ARG A 33 -1.82 -27.26 -3.02
N VAL A 34 -2.24 -26.00 -3.09
CA VAL A 34 -3.58 -25.60 -2.67
C VAL A 34 -4.39 -25.07 -3.84
N LEU A 35 -5.65 -25.49 -3.92
CA LEU A 35 -6.55 -24.97 -4.94
C LEU A 35 -7.64 -24.11 -4.29
N VAL A 36 -7.67 -22.84 -4.67
CA VAL A 36 -8.65 -21.90 -4.17
C VAL A 36 -9.76 -21.67 -5.21
N LEU A 37 -11.01 -21.86 -4.80
CA LEU A 37 -12.13 -21.73 -5.72
C LEU A 37 -13.01 -20.54 -5.36
N GLU A 38 -13.10 -19.58 -6.27
CA GLU A 38 -13.90 -18.38 -6.08
C GLU A 38 -14.93 -18.24 -7.18
N ARG A 39 -16.19 -17.99 -6.81
CA ARG A 39 -17.26 -17.91 -7.79
C ARG A 39 -17.42 -16.50 -8.34
N ARG A 40 -16.87 -15.52 -7.62
CA ARG A 40 -16.87 -14.13 -8.09
C ARG A 40 -15.80 -13.97 -9.17
N PRO A 41 -15.94 -12.95 -10.03
CA PRO A 41 -14.98 -12.68 -11.10
C PRO A 41 -13.59 -12.27 -10.60
N HIS A 42 -13.47 -11.97 -9.30
CA HIS A 42 -12.20 -11.52 -8.74
C HIS A 42 -12.00 -12.05 -7.33
N ILE A 43 -10.76 -11.96 -6.83
CA ILE A 43 -10.44 -12.46 -5.50
C ILE A 43 -10.64 -11.40 -4.43
N GLY A 44 -10.55 -11.81 -3.17
CA GLY A 44 -10.56 -10.87 -2.06
C GLY A 44 -11.88 -10.78 -1.30
N GLY A 45 -12.91 -11.43 -1.82
CA GLY A 45 -14.22 -11.37 -1.20
C GLY A 45 -14.77 -9.96 -1.17
N ASN A 46 -15.26 -9.54 -0.01
CA ASN A 46 -15.85 -8.21 0.13
C ASN A 46 -14.79 -7.15 0.37
N ALA A 47 -13.53 -7.56 0.42
CA ALA A 47 -12.43 -6.64 0.61
C ALA A 47 -11.90 -6.12 -0.73
N TYR A 48 -12.49 -6.60 -1.83
CA TYR A 48 -12.03 -6.24 -3.16
C TYR A 48 -12.22 -4.76 -3.45
N SER A 49 -11.14 -4.09 -3.85
CA SER A 49 -11.19 -2.68 -4.20
C SER A 49 -10.97 -2.48 -5.69
N GLU A 50 -11.34 -1.32 -6.20
CA GLU A 50 -11.25 -1.04 -7.64
C GLU A 50 -11.20 0.46 -7.90
N ALA A 51 -10.27 0.87 -8.77
CA ALA A 51 -10.09 2.27 -9.09
C ALA A 51 -11.19 2.79 -10.01
N GLU A 52 -11.82 3.89 -9.61
CA GLU A 52 -12.84 4.54 -10.44
C GLU A 52 -12.17 5.25 -11.60
N PRO A 53 -12.59 4.94 -12.83
CA PRO A 53 -11.94 5.40 -14.07
C PRO A 53 -11.82 6.91 -14.21
N GLN A 54 -12.87 7.66 -13.85
CA GLN A 54 -12.86 9.11 -14.04
C GLN A 54 -11.90 9.84 -13.10
N THR A 55 -11.78 9.34 -11.87
CA THR A 55 -11.01 10.05 -10.86
C THR A 55 -9.72 9.32 -10.46
N GLY A 56 -9.73 8.00 -10.56
CA GLY A 56 -8.58 7.21 -10.16
C GLY A 56 -8.63 6.84 -8.70
N ILE A 57 -9.70 7.25 -8.01
CA ILE A 57 -9.86 7.00 -6.59
C ILE A 57 -10.23 5.55 -6.31
N GLU A 58 -9.52 4.93 -5.37
CA GLU A 58 -9.79 3.56 -4.98
C GLU A 58 -11.16 3.43 -4.32
N VAL A 59 -12.00 2.55 -4.84
CA VAL A 59 -13.35 2.37 -4.34
C VAL A 59 -13.54 0.97 -3.75
N HIS A 60 -13.97 0.92 -2.49
CA HIS A 60 -14.29 -0.35 -1.84
C HIS A 60 -15.67 -0.82 -2.30
N LYS A 61 -15.67 -1.80 -3.20
CA LYS A 61 -16.89 -2.23 -3.88
C LYS A 61 -17.99 -2.74 -2.95
N TYR A 62 -17.62 -3.45 -1.90
CA TYR A 62 -18.60 -4.07 -1.03
C TYR A 62 -18.64 -3.44 0.36
N GLY A 63 -18.54 -2.12 0.39
CA GLY A 63 -18.57 -1.39 1.64
C GLY A 63 -17.18 -1.03 2.12
N ALA A 64 -17.09 0.08 2.85
CA ALA A 64 -15.80 0.58 3.33
C ALA A 64 -15.10 -0.44 4.22
N HIS A 65 -13.78 -0.54 4.06
CA HIS A 65 -12.99 -1.48 4.84
C HIS A 65 -11.81 -0.78 5.51
N LEU A 66 -11.80 -0.80 6.83
CA LEU A 66 -10.71 -0.24 7.61
C LEU A 66 -10.07 -1.35 8.44
N PHE A 67 -8.76 -1.53 8.31
CA PHE A 67 -8.09 -2.57 9.07
C PHE A 67 -7.60 -2.06 10.42
N HIS A 68 -7.83 -2.85 11.46
CA HIS A 68 -7.45 -2.49 12.82
C HIS A 68 -7.34 -3.73 13.71
N THR A 69 -6.32 -3.78 14.55
CA THR A 69 -6.13 -4.91 15.45
C THR A 69 -5.20 -4.57 16.62
N SER A 70 -5.30 -5.36 17.68
CA SER A 70 -4.40 -5.23 18.82
C SER A 70 -3.50 -6.45 18.93
N ASN A 71 -3.75 -7.42 18.04
CA ASN A 71 -2.93 -8.62 17.94
C ASN A 71 -1.68 -8.35 17.12
N LYS A 72 -0.52 -8.38 17.79
CA LYS A 72 0.74 -8.06 17.11
C LYS A 72 1.17 -9.18 16.15
N ARG A 73 0.81 -10.41 16.47
CA ARG A 73 1.09 -11.53 15.58
C ARG A 73 0.36 -11.36 14.25
N VAL A 74 -0.90 -10.95 14.31
CA VAL A 74 -1.68 -10.68 13.11
C VAL A 74 -1.13 -9.47 12.38
N TRP A 75 -0.80 -8.43 13.14
CA TRP A 75 -0.24 -7.19 12.59
C TRP A 75 1.06 -7.45 11.85
N ASP A 76 1.92 -8.30 12.39
CA ASP A 76 3.19 -8.63 11.75
C ASP A 76 2.97 -9.50 10.52
N TYR A 77 1.93 -10.32 10.55
CA TYR A 77 1.63 -11.24 9.46
C TYR A 77 1.17 -10.52 8.20
N VAL A 78 0.24 -9.58 8.36
CA VAL A 78 -0.31 -8.86 7.21
C VAL A 78 0.72 -7.90 6.60
N ARG A 79 1.71 -7.52 7.40
CA ARG A 79 2.74 -6.59 6.95
C ARG A 79 3.78 -7.27 6.05
N GLN A 80 3.58 -8.56 5.80
CA GLN A 80 4.43 -9.30 4.88
C GLN A 80 3.91 -9.15 3.45
N PHE A 81 2.70 -8.65 3.31
CA PHE A 81 2.04 -8.58 2.01
C PHE A 81 1.72 -7.16 1.58
N THR A 82 1.79 -6.22 2.52
CA THR A 82 1.45 -4.84 2.22
C THR A 82 1.97 -3.86 3.27
N ASP A 83 2.05 -2.60 2.90
CA ASP A 83 2.35 -1.54 3.86
C ASP A 83 1.04 -0.88 4.29
N PHE A 84 1.09 -0.13 5.38
CA PHE A 84 -0.10 0.56 5.87
C PHE A 84 0.15 2.04 6.07
N THR A 85 -0.86 2.85 5.76
CA THR A 85 -0.81 4.28 6.03
C THR A 85 -1.15 4.54 7.49
N ASP A 86 -0.95 5.78 7.94
CA ASP A 86 -1.23 6.13 9.33
C ASP A 86 -2.64 6.71 9.47
N TYR A 87 -3.55 6.22 8.64
CA TYR A 87 -4.93 6.70 8.67
C TYR A 87 -5.66 6.20 9.91
N ARG A 88 -6.33 7.12 10.60
CA ARG A 88 -7.15 6.77 11.77
C ARG A 88 -8.62 7.05 11.45
N HIS A 89 -9.45 6.01 11.55
CA HIS A 89 -10.86 6.11 11.15
C HIS A 89 -11.69 6.94 12.12
N ARG A 90 -12.43 7.90 11.57
CA ARG A 90 -13.34 8.73 12.35
C ARG A 90 -14.68 8.85 11.65
N VAL A 91 -15.76 8.72 12.42
CA VAL A 91 -17.11 8.76 11.87
C VAL A 91 -17.89 9.94 12.47
N PHE A 92 -18.63 10.65 11.62
CA PHE A 92 -19.55 11.67 12.10
C PHE A 92 -20.99 11.19 11.92
N ALA A 93 -21.91 11.76 12.69
CA ALA A 93 -23.29 11.33 12.66
C ALA A 93 -24.22 12.49 12.33
N MET A 94 -25.15 12.26 11.41
CA MET A 94 -26.10 13.29 10.99
C MET A 94 -27.43 13.09 11.72
N HIS A 95 -27.86 14.14 12.42
CA HIS A 95 -29.12 14.08 13.18
C HIS A 95 -29.80 15.44 13.19
N ASN A 96 -31.01 15.49 12.66
CA ASN A 96 -31.81 16.72 12.57
C ASN A 96 -31.07 17.87 11.88
N GLY A 97 -30.44 17.57 10.75
CA GLY A 97 -29.74 18.59 9.98
C GLY A 97 -28.49 19.11 10.66
N GLN A 98 -27.96 18.34 11.61
CA GLN A 98 -26.73 18.72 12.31
C GLN A 98 -25.73 17.57 12.33
N ALA A 99 -24.45 17.90 12.12
CA ALA A 99 -23.39 16.91 12.17
C ALA A 99 -22.81 16.81 13.58
N TYR A 100 -22.82 15.61 14.14
CA TYR A 100 -22.32 15.40 15.50
C TYR A 100 -21.01 14.62 15.54
N GLN A 101 -20.23 14.87 16.58
CA GLN A 101 -19.04 14.07 16.85
C GLN A 101 -19.49 12.69 17.34
N PHE A 102 -18.72 11.67 16.97
CA PHE A 102 -19.15 10.29 17.16
C PHE A 102 -17.92 9.40 17.31
N PRO A 103 -18.00 8.34 18.14
CA PRO A 103 -19.16 7.93 18.94
C PRO A 103 -19.24 8.61 20.30
N MET A 104 -19.52 7.82 21.33
CA MET A 104 -19.73 8.35 22.67
C MET A 104 -18.49 9.01 23.23
N GLY A 105 -18.62 10.29 23.58
CA GLY A 105 -17.53 11.07 24.13
C GLY A 105 -18.00 12.45 24.52
N LEU A 106 -17.07 13.29 24.98
CA LEU A 106 -17.42 14.63 25.43
C LEU A 106 -17.89 15.51 24.28
N GLY A 107 -17.45 15.20 23.07
CA GLY A 107 -17.87 15.95 21.90
C GLY A 107 -19.34 15.75 21.61
N LEU A 108 -19.77 14.49 21.62
CA LEU A 108 -21.16 14.14 21.37
C LEU A 108 -22.06 14.68 22.47
N VAL A 109 -21.62 14.53 23.72
CA VAL A 109 -22.41 14.96 24.88
C VAL A 109 -22.62 16.47 24.89
N SER A 110 -21.54 17.22 24.70
CA SER A 110 -21.60 18.68 24.74
C SER A 110 -22.44 19.27 23.61
N GLN A 111 -22.39 18.64 22.44
CA GLN A 111 -23.19 19.09 21.31
C GLN A 111 -24.67 18.84 21.52
N PHE A 112 -24.99 17.60 21.88
CA PHE A 112 -26.37 17.18 22.01
C PHE A 112 -27.10 17.88 23.16
N PHE A 113 -26.42 18.03 24.29
CA PHE A 113 -27.05 18.60 25.48
C PHE A 113 -26.85 20.11 25.59
N GLY A 114 -26.08 20.69 24.66
CA GLY A 114 -26.02 22.13 24.52
C GLY A 114 -24.92 22.87 25.27
N LYS A 115 -24.18 22.17 26.12
CA LYS A 115 -23.11 22.82 26.87
C LYS A 115 -21.99 21.86 27.20
N TYR A 116 -20.80 22.41 27.49
CA TYR A 116 -19.63 21.59 27.80
C TYR A 116 -19.77 20.87 29.14
N PHE A 117 -19.50 19.57 29.12
CA PHE A 117 -19.48 18.76 30.35
C PHE A 117 -18.07 18.26 30.63
N THR A 118 -17.61 18.46 31.86
CA THR A 118 -16.35 17.87 32.29
C THR A 118 -16.49 16.35 32.32
N PRO A 119 -15.37 15.62 32.22
CA PRO A 119 -15.43 14.15 32.31
C PRO A 119 -16.19 13.66 33.54
N GLU A 120 -16.09 14.38 34.65
CA GLU A 120 -16.77 14.00 35.88
C GLU A 120 -18.27 14.25 35.77
N GLN A 121 -18.63 15.42 35.24
CA GLN A 121 -20.03 15.78 35.05
C GLN A 121 -20.70 14.89 34.01
N ALA A 122 -19.92 14.46 33.02
CA ALA A 122 -20.43 13.62 31.94
C ALA A 122 -20.83 12.25 32.46
N ARG A 123 -19.98 11.66 33.30
CA ARG A 123 -20.28 10.36 33.88
C ARG A 123 -21.52 10.42 34.77
N GLN A 124 -21.71 11.55 35.43
CA GLN A 124 -22.87 11.74 36.30
C GLN A 124 -24.16 11.82 35.49
N LEU A 125 -24.13 12.61 34.42
CA LEU A 125 -25.30 12.80 33.57
C LEU A 125 -25.76 11.49 32.94
N ILE A 126 -24.81 10.70 32.47
CA ILE A 126 -25.11 9.43 31.81
C ILE A 126 -25.60 8.39 32.80
N ALA A 127 -25.02 8.41 34.01
CA ALA A 127 -25.41 7.48 35.06
C ALA A 127 -26.88 7.65 35.44
N GLU A 128 -27.37 8.89 35.38
CA GLU A 128 -28.77 9.18 35.66
C GLU A 128 -29.69 8.61 34.59
N GLN A 129 -29.28 8.77 33.34
CA GLN A 129 -30.09 8.36 32.20
C GLN A 129 -29.94 6.87 31.90
N ALA A 130 -29.00 6.22 32.60
CA ALA A 130 -28.78 4.79 32.43
C ALA A 130 -29.16 4.03 33.70
N ALA A 131 -30.01 4.65 34.51
CA ALA A 131 -30.38 4.09 35.81
C ALA A 131 -31.36 2.93 35.70
N GLU A 132 -32.16 2.94 34.64
CA GLU A 132 -33.20 1.93 34.45
C GLU A 132 -32.65 0.54 34.16
N ILE A 133 -31.37 0.46 33.79
CA ILE A 133 -30.74 -0.82 33.49
C ILE A 133 -29.23 -0.75 33.68
N ASP A 134 -28.66 -1.76 34.34
CA ASP A 134 -27.23 -1.85 34.54
C ASP A 134 -26.56 -2.70 33.47
N THR A 135 -25.32 -2.36 33.13
CA THR A 135 -24.62 -2.98 32.00
C THR A 135 -24.39 -4.48 32.16
N ALA A 136 -24.13 -4.91 33.38
CA ALA A 136 -23.84 -6.31 33.65
C ALA A 136 -25.07 -7.20 33.42
N ASP A 137 -26.25 -6.62 33.56
CA ASP A 137 -27.49 -7.37 33.42
C ASP A 137 -28.09 -7.22 32.02
N ALA A 138 -27.39 -6.51 31.15
CA ALA A 138 -27.88 -6.25 29.80
C ALA A 138 -28.00 -7.52 28.97
N GLN A 139 -29.21 -7.76 28.45
CA GLN A 139 -29.47 -8.96 27.68
C GLN A 139 -29.33 -8.72 26.18
N ASN A 140 -29.97 -7.64 25.71
CA ASN A 140 -30.01 -7.33 24.29
C ASN A 140 -29.34 -6.01 23.93
N LEU A 141 -29.49 -5.61 22.67
CA LEU A 141 -28.85 -4.40 22.16
C LEU A 141 -29.41 -3.14 22.82
N GLU A 142 -30.73 -3.04 22.89
CA GLU A 142 -31.39 -1.86 23.44
C GLU A 142 -30.99 -1.61 24.89
N GLU A 143 -31.06 -2.65 25.71
CA GLU A 143 -30.74 -2.52 27.12
C GLU A 143 -29.26 -2.22 27.33
N LYS A 144 -28.41 -2.85 26.54
CA LYS A 144 -26.96 -2.61 26.61
C LYS A 144 -26.62 -1.19 26.17
N ALA A 145 -27.30 -0.71 25.12
CA ALA A 145 -27.05 0.63 24.61
C ALA A 145 -27.40 1.69 25.64
N ILE A 146 -28.59 1.57 26.23
CA ILE A 146 -29.06 2.52 27.22
C ILE A 146 -28.16 2.51 28.46
N SER A 147 -27.68 1.33 28.84
CA SER A 147 -26.82 1.20 30.01
C SER A 147 -25.42 1.76 29.79
N LEU A 148 -25.12 2.14 28.55
CA LEU A 148 -23.80 2.65 28.20
C LEU A 148 -23.82 4.15 27.87
N ILE A 149 -24.85 4.59 27.16
CA ILE A 149 -24.90 5.99 26.71
C ILE A 149 -26.15 6.72 27.21
N GLY A 150 -27.09 5.97 27.77
CA GLY A 150 -28.31 6.57 28.29
C GLY A 150 -29.43 6.59 27.26
N ARG A 151 -30.66 6.71 27.75
CA ARG A 151 -31.85 6.67 26.90
C ARG A 151 -31.97 7.86 25.93
N PRO A 152 -31.67 9.10 26.38
CA PRO A 152 -31.75 10.20 25.41
C PRO A 152 -30.83 10.03 24.20
N LEU A 153 -29.59 9.63 24.41
CA LEU A 153 -28.65 9.42 23.31
C LEU A 153 -28.98 8.16 22.52
N TYR A 154 -29.57 7.18 23.19
CA TYR A 154 -30.00 5.96 22.53
C TYR A 154 -31.09 6.24 21.49
N GLU A 155 -32.06 7.06 21.88
CA GLU A 155 -33.19 7.38 21.01
C GLU A 155 -32.74 8.18 19.79
N ALA A 156 -31.67 8.95 19.95
CA ALA A 156 -31.25 9.88 18.92
C ALA A 156 -30.27 9.28 17.90
N PHE A 157 -29.39 8.40 18.35
CA PHE A 157 -28.31 7.94 17.50
C PHE A 157 -28.23 6.42 17.32
N VAL A 158 -29.04 5.68 18.08
CA VAL A 158 -28.99 4.22 18.02
C VAL A 158 -30.27 3.58 17.52
N LYS A 159 -31.40 3.99 18.09
CA LYS A 159 -32.69 3.37 17.80
C LYS A 159 -33.05 3.44 16.32
N GLY A 160 -32.91 4.62 15.72
CA GLY A 160 -33.26 4.81 14.33
C GLY A 160 -32.31 4.12 13.37
N TYR A 161 -31.00 4.27 13.64
CA TYR A 161 -29.98 3.65 12.82
C TYR A 161 -30.10 2.13 12.82
N THR A 162 -30.28 1.56 14.02
CA THR A 162 -30.41 0.11 14.18
C THR A 162 -31.65 -0.41 13.44
N ALA A 163 -32.69 0.42 13.40
CA ALA A 163 -33.91 0.06 12.68
C ALA A 163 -33.67 -0.07 11.19
N LYS A 164 -32.88 0.85 10.63
CA LYS A 164 -32.59 0.82 9.20
C LYS A 164 -31.62 -0.29 8.84
N GLN A 165 -30.64 -0.51 9.71
CA GLN A 165 -29.58 -1.49 9.46
C GLN A 165 -30.06 -2.92 9.63
N TRP A 166 -30.90 -3.17 10.64
CA TRP A 166 -31.30 -4.53 10.97
C TRP A 166 -32.76 -4.85 10.70
N GLN A 167 -33.63 -3.84 10.78
CA GLN A 167 -35.07 -4.03 10.64
C GLN A 167 -35.60 -5.10 11.59
N THR A 168 -34.99 -5.20 12.75
CA THR A 168 -35.38 -6.15 13.77
C THR A 168 -35.49 -5.41 15.11
N ASP A 169 -36.47 -5.81 15.94
CA ASP A 169 -36.68 -5.18 17.23
C ASP A 169 -35.41 -5.24 18.07
N PRO A 170 -34.96 -4.07 18.57
CA PRO A 170 -33.72 -3.91 19.32
C PRO A 170 -33.62 -4.80 20.58
N LYS A 171 -34.74 -5.34 21.03
CA LYS A 171 -34.73 -6.22 22.20
C LYS A 171 -34.42 -7.66 21.82
N GLU A 172 -34.38 -7.92 20.52
CA GLU A 172 -34.13 -9.27 20.01
C GLU A 172 -32.72 -9.42 19.46
N LEU A 173 -32.03 -8.29 19.31
CA LEU A 173 -30.67 -8.28 18.77
C LEU A 173 -29.62 -8.49 19.86
N PRO A 174 -28.49 -9.12 19.50
CA PRO A 174 -27.40 -9.36 20.45
C PRO A 174 -26.82 -8.07 21.04
N ALA A 175 -26.29 -8.15 22.25
CA ALA A 175 -25.71 -6.99 22.91
C ALA A 175 -24.29 -6.72 22.42
N ALA A 176 -23.70 -7.71 21.74
CA ALA A 176 -22.33 -7.57 21.26
C ALA A 176 -22.25 -6.60 20.07
N ASN A 177 -23.39 -6.36 19.43
CA ASN A 177 -23.44 -5.47 18.27
C ASN A 177 -23.10 -4.03 18.61
N ILE A 178 -23.68 -3.51 19.69
CA ILE A 178 -23.49 -2.11 20.06
C ILE A 178 -22.18 -1.91 20.81
N THR A 179 -21.62 -2.99 21.36
CA THR A 179 -20.36 -2.91 22.08
C THR A 179 -19.16 -2.89 21.14
N ARG A 180 -19.44 -2.90 19.84
CA ARG A 180 -18.39 -2.73 18.84
C ARG A 180 -17.90 -1.29 18.86
N LEU A 181 -18.79 -0.38 19.22
CA LEU A 181 -18.45 1.04 19.33
C LEU A 181 -17.89 1.34 20.70
N PRO A 182 -16.77 2.07 20.76
CA PRO A 182 -16.16 2.43 22.03
C PRO A 182 -16.99 3.47 22.80
N VAL A 183 -16.95 3.39 24.13
CA VAL A 183 -17.63 4.37 24.97
C VAL A 183 -16.61 5.12 25.80
N ARG A 184 -16.39 6.40 25.47
CA ARG A 184 -15.37 7.18 26.14
C ARG A 184 -15.94 8.40 26.88
N TYR A 185 -15.15 8.94 27.79
CA TYR A 185 -15.50 10.19 28.46
C TYR A 185 -14.39 11.20 28.25
N THR A 186 -13.83 11.20 27.05
CA THR A 186 -12.83 12.16 26.62
C THR A 186 -13.27 12.76 25.28
N PHE A 187 -12.37 13.52 24.65
CA PHE A 187 -12.69 14.11 23.35
C PHE A 187 -12.11 13.28 22.21
N ASP A 188 -11.57 12.10 22.53
CA ASP A 188 -11.06 11.18 21.53
C ASP A 188 -12.22 10.60 20.71
N ASN A 189 -12.26 10.89 19.42
CA ASN A 189 -13.35 10.41 18.58
C ASN A 189 -12.89 9.40 17.53
N ARG A 190 -11.88 8.62 17.86
CA ARG A 190 -11.46 7.51 17.00
C ARG A 190 -12.50 6.42 17.06
N TYR A 191 -12.93 5.93 15.89
CA TYR A 191 -14.04 4.99 15.83
C TYR A 191 -13.64 3.60 16.33
N PHE A 192 -12.33 3.33 16.31
CA PHE A 192 -11.81 2.08 16.83
C PHE A 192 -10.88 2.33 18.01
N SER A 193 -10.67 1.30 18.83
CA SER A 193 -9.80 1.43 19.99
C SER A 193 -8.74 0.34 20.02
N ASP A 194 -8.22 -0.02 18.85
CA ASP A 194 -7.17 -1.04 18.75
C ASP A 194 -5.78 -0.41 18.64
N THR A 195 -4.77 -1.21 18.96
CA THR A 195 -3.39 -0.74 18.94
C THR A 195 -2.92 -0.33 17.55
N TYR A 196 -3.11 -1.23 16.59
CA TYR A 196 -2.64 -1.00 15.22
C TYR A 196 -3.80 -0.72 14.28
N GLU A 197 -3.61 0.23 13.36
CA GLU A 197 -4.67 0.65 12.47
C GLU A 197 -4.11 1.36 11.23
N GLY A 198 -4.66 1.04 10.07
CA GLY A 198 -4.25 1.70 8.83
C GLY A 198 -4.88 1.11 7.59
N LEU A 199 -4.70 1.81 6.47
CA LEU A 199 -5.17 1.33 5.18
C LEU A 199 -4.00 0.82 4.35
N PRO A 200 -4.25 -0.23 3.54
CA PRO A 200 -3.22 -0.74 2.63
C PRO A 200 -2.75 0.32 1.65
N THR A 201 -1.46 0.60 1.65
CA THR A 201 -0.89 1.71 0.88
C THR A 201 -1.19 1.60 -0.62
N ASP A 202 -1.00 0.42 -1.18
CA ASP A 202 -1.22 0.22 -2.61
C ASP A 202 -2.62 -0.32 -2.89
N GLY A 203 -3.46 -0.34 -1.88
CA GLY A 203 -4.83 -0.79 -2.03
C GLY A 203 -5.04 -2.22 -1.56
N TYR A 204 -6.30 -2.63 -1.48
CA TYR A 204 -6.64 -3.96 -1.01
C TYR A 204 -6.33 -5.06 -2.01
N THR A 205 -6.58 -4.80 -3.28
CA THR A 205 -6.40 -5.81 -4.32
C THR A 205 -4.94 -6.25 -4.41
N ALA A 206 -4.01 -5.28 -4.37
CA ALA A 206 -2.59 -5.58 -4.39
C ALA A 206 -2.18 -6.41 -3.18
N TRP A 207 -2.80 -6.11 -2.04
CA TRP A 207 -2.59 -6.86 -0.81
C TRP A 207 -3.04 -8.31 -0.97
N LEU A 208 -4.26 -8.49 -1.46
CA LEU A 208 -4.83 -9.82 -1.65
C LEU A 208 -4.08 -10.62 -2.72
N GLN A 209 -3.62 -9.93 -3.76
CA GLN A 209 -2.89 -10.59 -4.83
C GLN A 209 -1.52 -11.08 -4.35
N ASN A 210 -0.96 -10.41 -3.36
CA ASN A 210 0.32 -10.84 -2.79
C ASN A 210 0.19 -12.09 -1.95
N MET A 211 -0.97 -12.27 -1.32
CA MET A 211 -1.22 -13.44 -0.49
C MET A 211 -1.43 -14.70 -1.33
N ALA A 212 -2.02 -14.52 -2.51
CA ALA A 212 -2.25 -15.64 -3.42
C ALA A 212 -1.22 -15.66 -4.55
N ALA A 213 -0.06 -15.08 -4.29
CA ALA A 213 0.97 -14.95 -5.33
C ALA A 213 1.85 -16.19 -5.45
N ASP A 214 1.85 -17.03 -4.41
CA ASP A 214 2.70 -18.21 -4.38
C ASP A 214 2.35 -19.18 -5.51
N HIS A 215 3.39 -19.78 -6.10
CA HIS A 215 3.19 -20.65 -7.26
C HIS A 215 2.48 -21.96 -6.92
N ARG A 216 2.44 -22.30 -5.63
CA ARG A 216 1.76 -23.51 -5.19
C ARG A 216 0.26 -23.28 -4.96
N ILE A 217 -0.16 -22.02 -5.11
CA ILE A 217 -1.56 -21.68 -4.95
C ILE A 217 -2.22 -21.41 -6.30
N GLU A 218 -3.23 -22.19 -6.63
CA GLU A 218 -4.01 -21.97 -7.84
C GLU A 218 -5.39 -21.42 -7.49
N VAL A 219 -5.77 -20.34 -8.14
CA VAL A 219 -7.08 -19.73 -7.91
C VAL A 219 -7.92 -19.76 -9.17
N ARG A 220 -9.12 -20.34 -9.07
CA ARG A 220 -10.03 -20.41 -10.19
C ARG A 220 -11.22 -19.48 -9.98
N LEU A 221 -11.28 -18.41 -10.77
CA LEU A 221 -12.34 -17.44 -10.66
C LEU A 221 -13.59 -17.91 -11.41
N ASN A 222 -14.73 -17.31 -11.08
CA ASN A 222 -16.01 -17.66 -11.68
C ASN A 222 -16.33 -19.15 -11.56
N THR A 223 -15.99 -19.73 -10.42
CA THR A 223 -16.18 -21.16 -10.21
C THR A 223 -16.91 -21.44 -8.91
N ASP A 224 -18.09 -22.02 -9.01
CA ASP A 224 -18.86 -22.40 -7.83
C ASP A 224 -18.41 -23.79 -7.37
N TRP A 225 -18.19 -23.94 -6.07
CA TRP A 225 -17.67 -25.17 -5.50
C TRP A 225 -18.64 -26.34 -5.68
N PHE A 226 -19.94 -26.06 -5.64
CA PHE A 226 -20.95 -27.11 -5.71
C PHE A 226 -21.14 -27.63 -7.13
N ASP A 227 -20.46 -27.01 -8.09
CA ASP A 227 -20.59 -27.42 -9.49
C ASP A 227 -19.39 -28.23 -9.97
N VAL A 228 -18.29 -28.16 -9.22
CA VAL A 228 -17.05 -28.79 -9.67
C VAL A 228 -16.45 -29.76 -8.65
N ARG A 229 -17.03 -29.82 -7.46
CA ARG A 229 -16.48 -30.67 -6.40
C ARG A 229 -16.63 -32.15 -6.72
N GLY A 230 -17.59 -32.47 -7.58
CA GLY A 230 -17.81 -33.86 -7.97
C GLY A 230 -16.68 -34.41 -8.81
N GLN A 231 -15.93 -33.51 -9.45
CA GLN A 231 -14.84 -33.90 -10.33
C GLN A 231 -13.47 -33.70 -9.68
N LEU A 232 -13.36 -32.65 -8.86
CA LEU A 232 -12.10 -32.30 -8.23
C LEU A 232 -11.67 -33.28 -7.15
N ARG A 233 -12.58 -33.53 -6.19
CA ARG A 233 -12.27 -34.37 -5.04
C ARG A 233 -11.83 -35.80 -5.37
N PRO A 234 -12.41 -36.42 -6.42
CA PRO A 234 -11.84 -37.73 -6.80
C PRO A 234 -10.38 -37.65 -7.24
N GLY A 235 -9.97 -36.49 -7.75
CA GLY A 235 -8.58 -36.29 -8.17
C GLY A 235 -7.64 -36.18 -6.98
N SER A 236 -8.16 -35.65 -5.86
CA SER A 236 -7.39 -35.53 -4.64
C SER A 236 -8.21 -36.02 -3.44
N PRO A 237 -8.31 -37.36 -3.29
CA PRO A 237 -9.20 -38.01 -2.33
C PRO A 237 -8.92 -37.63 -0.88
N ALA A 238 -7.65 -37.55 -0.51
CA ALA A 238 -7.26 -37.31 0.88
C ALA A 238 -7.30 -35.82 1.24
N ALA A 239 -7.48 -34.97 0.24
CA ALA A 239 -7.44 -33.53 0.44
C ALA A 239 -8.65 -33.02 1.20
N PRO A 240 -8.42 -32.33 2.33
CA PRO A 240 -9.48 -31.69 3.10
C PRO A 240 -10.07 -30.49 2.38
N VAL A 241 -11.20 -29.98 2.86
CA VAL A 241 -11.84 -28.83 2.25
C VAL A 241 -12.16 -27.77 3.29
N VAL A 242 -11.67 -26.56 3.07
CA VAL A 242 -12.01 -25.44 3.94
C VAL A 242 -13.07 -24.58 3.28
N TYR A 243 -14.29 -24.65 3.82
CA TYR A 243 -15.43 -23.94 3.25
C TYR A 243 -15.71 -22.63 3.98
N THR A 244 -15.77 -21.53 3.24
CA THR A 244 -15.97 -20.21 3.84
C THR A 244 -17.22 -19.51 3.33
N GLY A 245 -18.08 -20.25 2.63
CA GLY A 245 -19.33 -19.70 2.16
C GLY A 245 -20.41 -19.76 3.23
N PRO A 246 -21.64 -19.36 2.88
CA PRO A 246 -22.78 -19.40 3.81
C PRO A 246 -23.01 -20.80 4.37
N LEU A 247 -23.08 -20.90 5.69
CA LEU A 247 -23.20 -22.18 6.37
C LEU A 247 -24.50 -22.92 6.04
N ASP A 248 -25.62 -22.20 6.10
CA ASP A 248 -26.91 -22.79 5.84
C ASP A 248 -27.08 -23.18 4.37
N ARG A 249 -26.38 -22.49 3.48
CA ARG A 249 -26.46 -22.80 2.06
C ARG A 249 -25.77 -24.12 1.75
N TYR A 250 -24.75 -24.44 2.53
CA TYR A 250 -23.98 -25.66 2.33
C TYR A 250 -24.85 -26.91 2.47
N PHE A 251 -25.81 -26.85 3.39
CA PHE A 251 -26.72 -27.97 3.61
C PHE A 251 -28.06 -27.72 2.94
N ASP A 252 -28.04 -26.84 1.93
CA ASP A 252 -29.21 -26.54 1.11
C ASP A 252 -30.42 -26.10 1.94
N TYR A 253 -30.15 -25.40 3.04
CA TYR A 253 -31.20 -24.88 3.92
C TYR A 253 -32.12 -25.98 4.42
N ALA A 254 -31.58 -27.17 4.64
CA ALA A 254 -32.38 -28.33 5.04
C ALA A 254 -33.02 -28.12 6.41
N GLU A 255 -32.22 -27.61 7.34
CA GLU A 255 -32.70 -27.38 8.70
C GLU A 255 -33.46 -26.06 8.81
N GLY A 256 -33.41 -25.27 7.74
CA GLY A 256 -34.06 -23.98 7.73
C GLY A 256 -33.11 -22.86 7.32
N ARG A 257 -33.65 -21.66 7.13
CA ARG A 257 -32.84 -20.53 6.69
C ARG A 257 -32.41 -19.63 7.85
N LEU A 258 -31.13 -19.30 7.87
CA LEU A 258 -30.60 -18.35 8.85
C LEU A 258 -30.92 -16.92 8.42
N GLY A 259 -31.12 -16.04 9.39
CA GLY A 259 -31.41 -14.65 9.09
C GLY A 259 -30.14 -13.87 8.76
N TRP A 260 -30.09 -13.32 7.55
CA TRP A 260 -28.96 -12.50 7.14
C TRP A 260 -29.42 -11.11 6.75
N ARG A 261 -28.49 -10.17 6.73
CA ARG A 261 -28.73 -8.85 6.18
C ARG A 261 -27.78 -8.63 5.01
N THR A 262 -28.29 -8.07 3.91
CA THR A 262 -27.47 -7.79 2.74
C THR A 262 -27.45 -6.29 2.48
N LEU A 263 -26.55 -5.86 1.59
CA LEU A 263 -26.38 -4.42 1.33
C LEU A 263 -26.45 -4.09 -0.15
N ASP A 264 -27.03 -2.92 -0.46
CA ASP A 264 -27.02 -2.37 -1.81
C ASP A 264 -26.26 -1.05 -1.80
N PHE A 265 -25.58 -0.76 -2.92
CA PHE A 265 -24.76 0.44 -2.97
C PHE A 265 -25.07 1.30 -4.20
N GLU A 266 -25.11 2.62 -4.00
CA GLU A 266 -25.23 3.56 -5.10
C GLU A 266 -23.96 4.37 -5.23
N VAL A 267 -23.15 4.05 -6.25
CA VAL A 267 -21.91 4.76 -6.49
C VAL A 267 -22.13 5.89 -7.51
N GLU A 268 -21.77 7.10 -7.13
CA GLU A 268 -21.98 8.26 -8.01
C GLU A 268 -20.78 9.19 -8.05
N VAL A 269 -20.39 9.60 -9.26
CA VAL A 269 -19.33 10.59 -9.43
C VAL A 269 -19.91 11.99 -9.51
N LEU A 270 -19.48 12.87 -8.62
CA LEU A 270 -20.02 14.22 -8.56
C LEU A 270 -19.05 15.24 -9.18
N PRO A 271 -19.61 16.29 -9.80
CA PRO A 271 -18.80 17.33 -10.44
C PRO A 271 -18.18 18.32 -9.45
N ILE A 272 -18.18 17.97 -8.16
CA ILE A 272 -17.55 18.81 -7.15
C ILE A 272 -16.34 18.10 -6.55
N GLY A 273 -15.47 18.85 -5.89
CA GLY A 273 -14.26 18.30 -5.32
C GLY A 273 -14.46 17.65 -3.97
N ASP A 274 -15.49 18.08 -3.25
CA ASP A 274 -15.74 17.58 -1.90
C ASP A 274 -17.24 17.57 -1.58
N PHE A 275 -17.77 16.41 -1.21
CA PHE A 275 -19.20 16.27 -0.96
C PHE A 275 -19.59 16.52 0.50
N GLN A 276 -18.89 15.87 1.43
CA GLN A 276 -19.26 15.99 2.84
C GLN A 276 -18.07 16.35 3.74
N GLY A 277 -16.87 16.31 3.18
CA GLY A 277 -15.68 16.73 3.90
C GLY A 277 -15.12 15.73 4.89
N THR A 278 -15.57 14.48 4.79
CA THR A 278 -15.08 13.43 5.68
C THR A 278 -15.32 12.05 5.05
N ALA A 279 -14.65 11.03 5.57
CA ALA A 279 -14.68 9.70 4.98
C ALA A 279 -16.05 9.04 5.07
N VAL A 280 -16.60 8.96 6.29
CA VAL A 280 -17.87 8.29 6.49
C VAL A 280 -18.84 9.17 7.29
N MET A 281 -20.05 9.31 6.78
CA MET A 281 -21.09 10.08 7.44
C MET A 281 -22.31 9.21 7.73
N ASN A 282 -22.59 8.98 9.00
CA ASN A 282 -23.76 8.20 9.41
C ASN A 282 -25.03 9.04 9.39
N TYR A 283 -26.13 8.43 8.95
CA TYR A 283 -27.43 9.09 8.94
C TYR A 283 -28.39 8.36 9.87
N ASN A 284 -28.61 8.95 11.05
CA ASN A 284 -29.35 8.29 12.11
C ASN A 284 -30.85 8.56 12.07
N ASP A 285 -31.28 9.46 11.19
CA ASP A 285 -32.69 9.80 11.07
C ASP A 285 -33.40 8.89 10.06
N LEU A 286 -34.66 8.56 10.35
CA LEU A 286 -35.42 7.64 9.54
C LEU A 286 -36.00 8.27 8.28
N ASP A 287 -35.85 9.59 8.15
CA ASP A 287 -36.37 10.29 6.98
C ASP A 287 -35.44 10.11 5.78
N VAL A 288 -34.43 9.27 5.95
CA VAL A 288 -33.48 8.96 4.90
C VAL A 288 -33.33 7.44 4.79
N PRO A 289 -33.43 6.90 3.56
CA PRO A 289 -33.42 5.44 3.35
C PRO A 289 -32.07 4.78 3.58
N TYR A 290 -30.97 5.51 3.41
CA TYR A 290 -29.63 4.93 3.53
C TYR A 290 -29.05 5.09 4.94
N THR A 291 -28.17 4.17 5.32
CA THR A 291 -27.57 4.18 6.65
C THR A 291 -26.41 5.15 6.75
N ARG A 292 -25.55 5.18 5.74
CA ARG A 292 -24.38 6.05 5.75
C ARG A 292 -23.87 6.36 4.35
N ILE A 293 -22.98 7.35 4.25
CA ILE A 293 -22.40 7.73 2.98
C ILE A 293 -20.87 7.75 3.06
N HIS A 294 -20.22 7.09 2.11
CA HIS A 294 -18.76 7.08 2.04
C HIS A 294 -18.25 8.07 0.99
N GLU A 295 -17.18 8.78 1.30
CA GLU A 295 -16.46 9.57 0.31
C GLU A 295 -15.02 9.11 0.29
N PHE A 296 -14.65 8.33 -0.73
CA PHE A 296 -13.41 7.57 -0.72
C PHE A 296 -12.13 8.39 -0.85
N ARG A 297 -12.25 9.65 -1.27
CA ARG A 297 -11.06 10.48 -1.43
C ARG A 297 -10.43 10.80 -0.08
N HIS A 298 -11.22 10.76 0.99
CA HIS A 298 -10.74 11.09 2.32
C HIS A 298 -10.09 9.90 3.02
N PHE A 299 -10.19 8.73 2.39
CA PHE A 299 -9.53 7.54 2.92
C PHE A 299 -8.03 7.62 2.71
N HIS A 300 -7.61 8.20 1.61
CA HIS A 300 -6.19 8.33 1.29
C HIS A 300 -5.79 9.78 1.04
N PRO A 301 -5.62 10.57 2.12
CA PRO A 301 -5.21 11.97 2.01
C PRO A 301 -3.81 12.14 1.45
N GLU A 302 -2.98 11.10 1.60
CA GLU A 302 -1.59 11.17 1.14
C GLU A 302 -1.50 11.19 -0.39
N ARG A 303 -2.50 10.62 -1.05
CA ARG A 303 -2.53 10.64 -2.51
C ARG A 303 -3.08 11.97 -3.01
N ASP A 304 -2.61 12.41 -4.17
CA ASP A 304 -3.10 13.63 -4.78
C ASP A 304 -4.18 13.35 -5.82
N TYR A 305 -5.43 13.64 -5.45
CA TYR A 305 -6.57 13.42 -6.32
C TYR A 305 -7.04 14.73 -6.93
N ARG A 306 -7.65 14.65 -8.11
CA ARG A 306 -8.20 15.83 -8.76
C ARG A 306 -9.29 16.46 -7.90
N THR A 307 -9.40 17.78 -7.95
CA THR A 307 -10.31 18.51 -7.06
C THR A 307 -11.54 19.03 -7.77
N ASP A 308 -11.82 18.51 -8.96
CA ASP A 308 -13.01 18.91 -9.71
C ASP A 308 -14.07 17.81 -9.71
N LYS A 309 -13.69 16.63 -9.24
CA LYS A 309 -14.62 15.50 -9.15
C LYS A 309 -14.40 14.71 -7.86
N THR A 310 -15.42 13.95 -7.46
CA THR A 310 -15.32 13.09 -6.29
C THR A 310 -16.26 11.90 -6.42
N VAL A 311 -15.94 10.82 -5.70
CA VAL A 311 -16.77 9.62 -5.72
C VAL A 311 -17.39 9.36 -4.36
N ILE A 312 -18.71 9.26 -4.33
CA ILE A 312 -19.42 8.93 -3.09
C ILE A 312 -20.19 7.63 -3.26
N MET A 313 -20.59 7.03 -2.15
CA MET A 313 -21.34 5.78 -2.18
C MET A 313 -22.35 5.70 -1.03
N ARG A 314 -23.63 5.60 -1.37
CA ARG A 314 -24.68 5.47 -0.37
C ARG A 314 -24.94 3.98 -0.08
N GLU A 315 -25.19 3.68 1.19
CA GLU A 315 -25.35 2.30 1.63
C GLU A 315 -26.77 2.00 2.10
N TYR A 316 -27.39 0.99 1.51
CA TYR A 316 -28.75 0.60 1.86
C TYR A 316 -28.77 -0.82 2.42
N SER A 317 -29.65 -1.07 3.38
CA SER A 317 -29.69 -2.35 4.07
C SER A 317 -31.05 -3.03 3.95
N ARG A 318 -31.02 -4.34 3.69
CA ARG A 318 -32.26 -5.13 3.58
C ARG A 318 -32.00 -6.58 3.92
N PHE A 319 -33.07 -7.37 4.03
CA PHE A 319 -32.95 -8.80 4.32
C PHE A 319 -32.39 -9.54 3.11
N ALA A 320 -31.50 -10.49 3.37
CA ALA A 320 -30.92 -11.31 2.32
C ALA A 320 -31.83 -12.48 1.97
N GLU A 321 -32.27 -12.54 0.71
CA GLU A 321 -33.15 -13.62 0.28
C GLU A 321 -32.36 -14.78 -0.33
N ASP A 322 -33.02 -15.59 -1.16
CA ASP A 322 -32.50 -16.88 -1.58
C ASP A 322 -31.12 -16.83 -2.27
N ASP A 323 -30.99 -16.00 -3.31
CA ASP A 323 -29.74 -15.97 -4.08
C ASP A 323 -28.88 -14.76 -3.75
N ASP A 324 -29.33 -13.95 -2.79
CA ASP A 324 -28.56 -12.78 -2.37
C ASP A 324 -27.27 -13.18 -1.68
N GLU A 325 -26.26 -12.33 -1.77
CA GLU A 325 -25.02 -12.54 -1.05
C GLU A 325 -25.13 -11.92 0.34
N PRO A 326 -25.03 -12.75 1.38
CA PRO A 326 -25.17 -12.29 2.78
C PRO A 326 -23.99 -11.46 3.26
N TYR A 327 -24.27 -10.47 4.11
CA TYR A 327 -23.24 -9.61 4.66
C TYR A 327 -23.19 -9.73 6.19
N TYR A 328 -24.33 -9.53 6.84
CA TYR A 328 -24.40 -9.55 8.30
C TYR A 328 -25.27 -10.70 8.82
N PRO A 329 -24.77 -11.42 9.84
CA PRO A 329 -25.61 -12.38 10.57
C PRO A 329 -26.44 -11.68 11.64
N ILE A 330 -27.76 -11.90 11.63
CA ILE A 330 -28.64 -11.22 12.57
C ILE A 330 -28.49 -11.77 13.98
N ASN A 331 -28.41 -13.09 14.10
CA ASN A 331 -28.18 -13.77 15.38
C ASN A 331 -29.24 -13.48 16.45
N THR A 332 -30.51 -13.62 16.10
CA THR A 332 -31.58 -13.53 17.09
C THR A 332 -31.64 -14.81 17.91
N GLU A 333 -32.60 -14.88 18.82
CA GLU A 333 -32.79 -16.07 19.65
C GLU A 333 -33.09 -17.29 18.79
N ALA A 334 -33.88 -17.09 17.75
CA ALA A 334 -34.22 -18.17 16.83
C ALA A 334 -33.04 -18.52 15.93
N ASP A 335 -32.29 -17.49 15.52
CA ASP A 335 -31.12 -17.70 14.67
C ASP A 335 -30.02 -18.47 15.40
N ARG A 336 -29.79 -18.13 16.67
CA ARG A 336 -28.81 -18.83 17.50
C ARG A 336 -29.21 -20.29 17.72
N ALA A 337 -30.51 -20.55 17.69
CA ALA A 337 -31.02 -21.91 17.87
C ALA A 337 -30.74 -22.77 16.64
N LEU A 338 -31.11 -22.24 15.47
CA LEU A 338 -30.87 -22.94 14.21
C LEU A 338 -29.38 -23.13 13.95
N LEU A 339 -28.58 -22.17 14.42
CA LEU A 339 -27.13 -22.23 14.26
C LEU A 339 -26.55 -23.44 14.96
N ALA A 340 -27.08 -23.77 16.13
CA ALA A 340 -26.62 -24.93 16.89
C ALA A 340 -26.82 -26.23 16.12
N THR A 341 -27.93 -26.30 15.37
CA THR A 341 -28.23 -27.48 14.57
C THR A 341 -27.23 -27.64 13.43
N TYR A 342 -26.94 -26.52 12.75
CA TYR A 342 -26.01 -26.53 11.64
C TYR A 342 -24.58 -26.83 12.10
N ARG A 343 -24.25 -26.44 13.32
CA ARG A 343 -22.93 -26.75 13.88
C ARG A 343 -22.80 -28.25 14.10
N ALA A 344 -23.90 -28.90 14.44
CA ALA A 344 -23.91 -30.35 14.63
C ALA A 344 -23.75 -31.07 13.30
N ARG A 345 -24.43 -30.57 12.28
CA ARG A 345 -24.32 -31.14 10.94
C ARG A 345 -22.93 -30.88 10.36
N ALA A 346 -22.35 -29.74 10.72
CA ALA A 346 -21.02 -29.38 10.28
C ALA A 346 -19.98 -30.31 10.90
N LYS A 347 -20.14 -30.62 12.18
CA LYS A 347 -19.25 -31.54 12.87
C LYS A 347 -19.26 -32.92 12.23
N SER A 348 -20.44 -33.32 11.75
CA SER A 348 -20.58 -34.59 11.05
C SER A 348 -19.90 -34.56 9.69
N GLU A 349 -19.99 -33.41 9.02
CA GLU A 349 -19.35 -33.24 7.72
C GLU A 349 -17.84 -33.26 7.83
N THR A 350 -17.32 -32.80 8.97
CA THR A 350 -15.89 -32.80 9.21
C THR A 350 -15.38 -34.23 9.40
N ALA A 351 -16.21 -35.06 10.02
CA ALA A 351 -15.82 -36.43 10.36
C ALA A 351 -15.87 -37.36 9.16
N SER A 352 -16.79 -37.10 8.23
CA SER A 352 -17.03 -38.02 7.12
C SER A 352 -16.52 -37.50 5.77
N SER A 353 -16.32 -36.19 5.67
CA SER A 353 -15.96 -35.60 4.38
C SER A 353 -14.71 -34.72 4.45
N LYS A 354 -14.12 -34.64 5.64
CA LYS A 354 -12.95 -33.78 5.88
C LYS A 354 -13.21 -32.33 5.50
N VAL A 355 -14.43 -31.87 5.72
CA VAL A 355 -14.80 -30.49 5.37
C VAL A 355 -14.82 -29.59 6.61
N LEU A 356 -13.94 -28.60 6.62
CA LEU A 356 -13.88 -27.64 7.71
C LEU A 356 -14.70 -26.39 7.38
N PHE A 357 -15.16 -25.70 8.42
CA PHE A 357 -15.97 -24.50 8.26
C PHE A 357 -15.36 -23.33 9.00
N GLY A 358 -15.18 -22.21 8.31
CA GLY A 358 -14.58 -21.04 8.92
C GLY A 358 -14.95 -19.77 8.18
N GLY A 359 -14.68 -18.64 8.82
CA GLY A 359 -14.98 -17.36 8.21
C GLY A 359 -16.26 -16.74 8.71
N ARG A 360 -16.54 -15.53 8.22
CA ARG A 360 -17.74 -14.79 8.60
C ARG A 360 -19.01 -15.53 8.20
N LEU A 361 -18.99 -16.14 7.01
CA LEU A 361 -20.16 -16.82 6.47
C LEU A 361 -20.25 -18.27 6.92
N GLY A 362 -19.08 -18.91 7.05
CA GLY A 362 -19.02 -20.31 7.40
C GLY A 362 -19.32 -20.61 8.86
N THR A 363 -19.33 -19.56 9.69
CA THR A 363 -19.56 -19.73 11.12
C THR A 363 -20.69 -18.86 11.64
N TYR A 364 -21.31 -18.08 10.74
CA TYR A 364 -22.42 -17.19 11.08
C TYR A 364 -22.00 -16.22 12.19
N GLN A 365 -20.83 -15.61 12.02
CA GLN A 365 -20.28 -14.72 13.03
C GLN A 365 -20.05 -13.31 12.50
N TYR A 366 -20.32 -12.32 13.36
CA TYR A 366 -20.05 -10.92 13.04
C TYR A 366 -18.55 -10.64 13.18
N LEU A 367 -17.77 -11.08 12.20
CA LEU A 367 -16.31 -11.00 12.26
C LEU A 367 -15.73 -9.82 11.49
N ASP A 368 -14.66 -9.25 12.03
CA ASP A 368 -13.89 -8.24 11.31
C ASP A 368 -12.73 -8.91 10.57
N MET A 369 -12.00 -8.13 9.78
CA MET A 369 -10.89 -8.67 8.98
C MET A 369 -9.83 -9.33 9.85
N HIS A 370 -9.43 -8.65 10.92
CA HIS A 370 -8.36 -9.15 11.79
C HIS A 370 -8.81 -10.38 12.57
N MET A 371 -10.09 -10.44 12.92
CA MET A 371 -10.63 -11.58 13.63
C MET A 371 -10.79 -12.78 12.69
N ALA A 372 -10.96 -12.49 11.41
CA ALA A 372 -11.05 -13.54 10.39
C ALA A 372 -9.68 -14.13 10.11
N ILE A 373 -8.66 -13.28 10.08
CA ILE A 373 -7.29 -13.71 9.85
C ILE A 373 -6.76 -14.49 11.05
N ALA A 374 -7.07 -13.99 12.25
CA ALA A 374 -6.66 -14.66 13.48
C ALA A 374 -7.32 -16.03 13.59
N SER A 375 -8.59 -16.10 13.19
CA SER A 375 -9.33 -17.35 13.21
C SER A 375 -8.72 -18.36 12.25
N ALA A 376 -8.20 -17.86 11.13
CA ALA A 376 -7.59 -18.72 10.12
C ALA A 376 -6.26 -19.27 10.61
N LEU A 377 -5.54 -18.45 11.38
CA LEU A 377 -4.26 -18.86 11.95
C LEU A 377 -4.44 -19.96 12.99
N ASN A 378 -5.46 -19.82 13.82
CA ASN A 378 -5.76 -20.83 14.84
C ASN A 378 -6.18 -22.15 14.21
N MET A 379 -6.98 -22.08 13.15
CA MET A 379 -7.40 -23.29 12.44
C MET A 379 -6.18 -23.98 11.81
N TYR A 380 -5.26 -23.18 11.29
CA TYR A 380 -4.04 -23.72 10.71
C TYR A 380 -3.17 -24.39 11.77
N ASP A 381 -2.94 -23.67 12.87
CA ASP A 381 -2.05 -24.16 13.93
C ASP A 381 -2.56 -25.42 14.62
N ASN A 382 -3.85 -25.46 14.92
CA ASN A 382 -4.41 -26.51 15.77
C ASN A 382 -5.10 -27.64 15.02
N VAL A 383 -5.58 -27.36 13.81
CA VAL A 383 -6.34 -28.36 13.06
C VAL A 383 -5.65 -28.81 11.77
N LEU A 384 -5.42 -27.86 10.86
CA LEU A 384 -4.93 -28.19 9.52
C LEU A 384 -3.49 -28.71 9.50
N ALA A 385 -2.57 -27.95 10.09
CA ALA A 385 -1.15 -28.34 10.08
C ALA A 385 -0.90 -29.71 10.72
N PRO A 386 -1.49 -30.00 11.90
CA PRO A 386 -1.25 -31.34 12.44
C PRO A 386 -1.78 -32.46 11.54
N HIS A 387 -2.79 -32.17 10.74
CA HIS A 387 -3.38 -33.15 9.84
C HIS A 387 -2.52 -33.39 8.61
N LEU A 388 -2.21 -32.30 7.90
CA LEU A 388 -1.48 -32.38 6.65
C LEU A 388 -0.02 -32.78 6.83
N ARG A 389 0.48 -32.60 8.05
CA ARG A 389 1.89 -32.82 8.32
C ARG A 389 2.14 -34.03 9.23
N ASP A 390 1.30 -34.20 10.24
CA ASP A 390 1.53 -35.23 11.24
C ASP A 390 0.44 -36.31 11.27
N GLY A 391 -0.48 -36.25 10.31
CA GLY A 391 -1.55 -37.23 10.21
C GLY A 391 -2.60 -37.18 11.30
N VAL A 392 -2.59 -36.13 12.11
CA VAL A 392 -3.55 -36.00 13.21
C VAL A 392 -4.95 -35.76 12.67
N PRO A 393 -5.94 -36.52 13.19
CA PRO A 393 -7.33 -36.39 12.73
C PRO A 393 -7.88 -34.97 12.90
N LEU A 394 -8.92 -34.63 12.14
CA LEU A 394 -9.41 -33.24 12.10
C LEU A 394 -10.27 -32.89 13.31
N LEU A 395 -11.09 -33.84 13.76
CA LEU A 395 -11.97 -33.58 14.90
C LEU A 395 -11.30 -33.78 16.24
N GLN A 396 -11.95 -33.25 17.28
CA GLN A 396 -11.39 -33.22 18.62
C GLN A 396 -12.28 -33.98 19.59
N MET B 4 -28.42 -19.73 -47.71
CA MET B 4 -28.30 -21.07 -48.28
C MET B 4 -26.88 -21.60 -48.19
N THR B 5 -25.91 -20.76 -48.55
CA THR B 5 -24.52 -21.18 -48.61
C THR B 5 -23.87 -21.32 -47.23
N ALA B 6 -22.54 -21.34 -47.21
CA ALA B 6 -21.80 -21.58 -45.98
C ALA B 6 -21.59 -20.30 -45.18
N ARG B 7 -21.63 -20.44 -43.85
CA ARG B 7 -21.38 -19.32 -42.95
C ARG B 7 -19.92 -18.89 -43.01
N PHE B 8 -19.03 -19.84 -42.77
CA PHE B 8 -17.59 -19.56 -42.78
C PHE B 8 -16.88 -20.40 -43.85
N ASP B 9 -15.67 -19.98 -44.20
CA ASP B 9 -14.88 -20.70 -45.20
C ASP B 9 -13.74 -21.46 -44.55
N LEU B 10 -13.51 -21.22 -43.26
CA LEU B 10 -12.42 -21.85 -42.54
C LEU B 10 -12.59 -21.74 -41.03
N PHE B 11 -12.27 -22.82 -40.32
CA PHE B 11 -12.25 -22.79 -38.86
C PHE B 11 -10.81 -22.85 -38.35
N VAL B 12 -10.49 -22.00 -37.39
CA VAL B 12 -9.16 -22.02 -36.78
C VAL B 12 -9.27 -22.12 -35.26
N VAL B 13 -8.60 -23.11 -34.69
CA VAL B 13 -8.63 -23.33 -33.25
C VAL B 13 -7.33 -22.85 -32.60
N GLY B 14 -7.45 -21.80 -31.79
CA GLY B 14 -6.29 -21.20 -31.14
C GLY B 14 -5.93 -19.87 -31.77
N SER B 15 -5.76 -18.85 -30.94
CA SER B 15 -5.44 -17.52 -31.43
C SER B 15 -3.97 -17.16 -31.23
N GLY B 16 -3.10 -18.17 -31.28
CA GLY B 16 -1.68 -17.95 -31.18
C GLY B 16 -1.13 -17.38 -32.47
N PHE B 17 0.20 -17.31 -32.58
CA PHE B 17 0.83 -16.76 -33.78
C PHE B 17 0.60 -17.64 -35.00
N PHE B 18 0.45 -18.94 -34.80
CA PHE B 18 0.19 -19.83 -35.92
C PHE B 18 -1.21 -19.61 -36.45
N GLY B 19 -2.20 -19.65 -35.56
CA GLY B 19 -3.59 -19.50 -35.94
C GLY B 19 -3.90 -18.16 -36.57
N LEU B 20 -3.45 -17.09 -35.95
CA LEU B 20 -3.70 -15.74 -36.45
C LEU B 20 -3.01 -15.50 -37.80
N THR B 21 -1.83 -16.07 -37.99
CA THR B 21 -1.14 -15.94 -39.27
C THR B 21 -1.96 -16.63 -40.36
N ILE B 22 -2.44 -17.82 -40.07
CA ILE B 22 -3.31 -18.56 -40.99
C ILE B 22 -4.59 -17.78 -41.28
N ALA B 23 -5.24 -17.32 -40.21
CA ALA B 23 -6.50 -16.61 -40.34
C ALA B 23 -6.34 -15.30 -41.12
N GLU B 24 -5.23 -14.61 -40.91
CA GLU B 24 -4.99 -13.32 -41.57
C GLU B 24 -4.73 -13.49 -43.06
N ARG B 25 -3.94 -14.50 -43.42
CA ARG B 25 -3.61 -14.75 -44.82
C ARG B 25 -4.85 -15.17 -45.61
N VAL B 26 -5.64 -16.08 -45.06
CA VAL B 26 -6.82 -16.57 -45.74
C VAL B 26 -7.84 -15.45 -45.95
N ALA B 27 -8.00 -14.60 -44.94
CA ALA B 27 -8.98 -13.52 -44.99
C ALA B 27 -8.60 -12.42 -45.97
N THR B 28 -7.35 -11.98 -45.92
CA THR B 28 -6.92 -10.82 -46.72
C THR B 28 -6.55 -11.17 -48.16
N GLN B 29 -5.95 -12.34 -48.35
CA GLN B 29 -5.44 -12.72 -49.68
C GLN B 29 -6.47 -13.49 -50.50
N LEU B 30 -7.27 -14.32 -49.84
CA LEU B 30 -8.24 -15.15 -50.55
C LEU B 30 -9.67 -14.62 -50.40
N ASP B 31 -9.83 -13.59 -49.58
CA ASP B 31 -11.13 -12.96 -49.35
C ASP B 31 -12.16 -13.97 -48.85
N LYS B 32 -11.85 -14.61 -47.72
CA LYS B 32 -12.72 -15.63 -47.15
C LYS B 32 -13.05 -15.32 -45.70
N ARG B 33 -14.20 -15.80 -45.24
CA ARG B 33 -14.60 -15.62 -43.84
C ARG B 33 -13.96 -16.68 -42.95
N VAL B 34 -13.30 -16.25 -41.90
CA VAL B 34 -12.60 -17.15 -40.99
C VAL B 34 -13.13 -17.02 -39.57
N LEU B 35 -13.43 -18.15 -38.94
CA LEU B 35 -13.83 -18.16 -37.54
C LEU B 35 -12.72 -18.72 -36.67
N VAL B 36 -12.25 -17.91 -35.73
CA VAL B 36 -11.19 -18.31 -34.82
C VAL B 36 -11.76 -18.59 -33.43
N LEU B 37 -11.47 -19.76 -32.90
CA LEU B 37 -12.00 -20.15 -31.59
C LEU B 37 -10.91 -20.25 -30.54
N GLU B 38 -11.02 -19.40 -29.52
CA GLU B 38 -10.06 -19.36 -28.43
C GLU B 38 -10.77 -19.59 -27.10
N ARG B 39 -10.25 -20.52 -26.28
CA ARG B 39 -10.90 -20.84 -25.02
C ARG B 39 -10.37 -19.96 -23.88
N ARG B 40 -9.28 -19.26 -24.14
CA ARG B 40 -8.74 -18.30 -23.17
C ARG B 40 -9.55 -17.00 -23.20
N PRO B 41 -9.53 -16.24 -22.10
CA PRO B 41 -10.24 -14.96 -22.04
C PRO B 41 -9.72 -13.91 -23.01
N HIS B 42 -8.53 -14.12 -23.56
CA HIS B 42 -7.91 -13.17 -24.47
C HIS B 42 -7.25 -13.88 -25.65
N ILE B 43 -6.77 -13.08 -26.61
CA ILE B 43 -6.11 -13.63 -27.79
C ILE B 43 -4.59 -13.60 -27.64
N GLY B 44 -3.90 -14.23 -28.60
CA GLY B 44 -2.46 -14.17 -28.66
C GLY B 44 -1.73 -15.37 -28.09
N GLY B 45 -2.48 -16.28 -27.48
CA GLY B 45 -1.88 -17.45 -26.87
C GLY B 45 -1.00 -17.09 -25.68
N ASN B 46 0.21 -17.62 -25.66
CA ASN B 46 1.16 -17.36 -24.59
C ASN B 46 1.91 -16.05 -24.80
N ALA B 47 1.67 -15.40 -25.93
CA ALA B 47 2.34 -14.15 -26.24
C ALA B 47 1.56 -12.95 -25.70
N TYR B 48 0.48 -13.22 -24.99
CA TYR B 48 -0.36 -12.16 -24.44
C TYR B 48 0.38 -11.34 -23.39
N SER B 49 0.42 -10.02 -23.59
CA SER B 49 1.04 -9.12 -22.63
C SER B 49 -0.02 -8.29 -21.91
N GLU B 50 0.37 -7.71 -20.79
CA GLU B 50 -0.58 -6.95 -19.97
C GLU B 50 0.16 -5.94 -19.09
N ALA B 51 -0.36 -4.72 -19.04
CA ALA B 51 0.26 -3.66 -18.25
C ALA B 51 -0.08 -3.77 -16.77
N GLU B 52 0.95 -3.81 -15.93
CA GLU B 52 0.77 -3.82 -14.48
C GLU B 52 0.28 -2.46 -14.01
N PRO B 53 -0.85 -2.43 -13.26
CA PRO B 53 -1.55 -1.20 -12.90
C PRO B 53 -0.71 -0.18 -12.13
N GLN B 54 0.07 -0.64 -11.15
CA GLN B 54 0.85 0.28 -10.31
C GLN B 54 1.99 0.97 -11.07
N THR B 55 2.68 0.20 -11.89
CA THR B 55 3.88 0.71 -12.55
C THR B 55 3.66 1.10 -14.00
N GLY B 56 2.72 0.41 -14.66
CA GLY B 56 2.45 0.66 -16.07
C GLY B 56 3.31 -0.20 -16.97
N ILE B 57 4.23 -0.96 -16.37
CA ILE B 57 5.15 -1.80 -17.13
C ILE B 57 4.44 -2.97 -17.80
N GLU B 58 4.76 -3.19 -19.07
CA GLU B 58 4.20 -4.31 -19.82
C GLU B 58 4.74 -5.64 -19.29
N VAL B 59 3.83 -6.54 -18.92
CA VAL B 59 4.20 -7.84 -18.38
C VAL B 59 3.82 -8.98 -19.32
N HIS B 60 4.81 -9.78 -19.70
CA HIS B 60 4.56 -10.98 -20.49
C HIS B 60 4.01 -12.07 -19.57
N LYS B 61 2.70 -12.30 -19.65
CA LYS B 61 1.99 -13.16 -18.70
C LYS B 61 2.43 -14.62 -18.72
N TYR B 62 2.76 -15.14 -19.89
CA TYR B 62 3.12 -16.54 -20.02
C TYR B 62 4.58 -16.73 -20.41
N GLY B 63 5.47 -16.08 -19.66
CA GLY B 63 6.89 -16.17 -19.92
C GLY B 63 7.35 -15.08 -20.86
N ALA B 64 8.60 -14.66 -20.72
CA ALA B 64 9.15 -13.58 -21.54
C ALA B 64 9.18 -13.99 -23.01
N HIS B 65 8.91 -13.03 -23.88
CA HIS B 65 8.91 -13.28 -25.32
C HIS B 65 9.79 -12.28 -26.06
N LEU B 66 10.82 -12.80 -26.72
CA LEU B 66 11.73 -11.98 -27.51
C LEU B 66 11.67 -12.45 -28.97
N PHE B 67 11.35 -11.54 -29.88
CA PHE B 67 11.25 -11.92 -31.28
C PHE B 67 12.58 -11.81 -32.00
N HIS B 68 12.88 -12.81 -32.82
CA HIS B 68 14.14 -12.88 -33.54
C HIS B 68 14.02 -13.84 -34.72
N THR B 69 14.61 -13.46 -35.86
CA THR B 69 14.59 -14.32 -37.04
C THR B 69 15.67 -13.93 -38.05
N SER B 70 15.98 -14.86 -38.94
CA SER B 70 16.91 -14.59 -40.04
C SER B 70 16.16 -14.66 -41.37
N ASN B 71 14.90 -15.07 -41.30
CA ASN B 71 14.04 -15.13 -42.47
C ASN B 71 13.49 -13.74 -42.79
N LYS B 72 13.93 -13.19 -43.92
CA LYS B 72 13.53 -11.84 -44.30
C LYS B 72 12.06 -11.76 -44.70
N ARG B 73 11.53 -12.85 -45.26
CA ARG B 73 10.12 -12.89 -45.63
C ARG B 73 9.24 -12.78 -44.40
N VAL B 74 9.62 -13.49 -43.34
CA VAL B 74 8.89 -13.44 -42.08
C VAL B 74 9.01 -12.05 -41.45
N TRP B 75 10.23 -11.53 -41.45
CA TRP B 75 10.52 -10.20 -40.91
C TRP B 75 9.65 -9.12 -41.58
N ASP B 76 9.60 -9.14 -42.91
CA ASP B 76 8.79 -8.18 -43.65
C ASP B 76 7.30 -8.36 -43.37
N TYR B 77 6.88 -9.60 -43.15
CA TYR B 77 5.47 -9.90 -42.90
C TYR B 77 4.99 -9.36 -41.55
N VAL B 78 5.77 -9.59 -40.50
CA VAL B 78 5.34 -9.18 -39.16
C VAL B 78 5.38 -7.66 -38.98
N ARG B 79 6.18 -6.97 -39.78
CA ARG B 79 6.29 -5.52 -39.68
C ARG B 79 5.08 -4.82 -40.28
N GLN B 80 4.16 -5.61 -40.85
CA GLN B 80 2.91 -5.07 -41.36
C GLN B 80 1.95 -4.73 -40.23
N PHE B 81 2.20 -5.29 -39.05
CA PHE B 81 1.26 -5.19 -37.95
C PHE B 81 1.84 -4.47 -36.74
N THR B 82 3.16 -4.29 -36.74
CA THR B 82 3.83 -3.65 -35.61
C THR B 82 5.21 -3.12 -35.97
N ASP B 83 5.71 -2.19 -35.17
CA ASP B 83 7.08 -1.72 -35.27
C ASP B 83 7.92 -2.46 -34.25
N PHE B 84 9.24 -2.40 -34.40
CA PHE B 84 10.14 -3.09 -33.48
C PHE B 84 11.23 -2.17 -32.95
N THR B 85 11.56 -2.33 -31.67
CA THR B 85 12.68 -1.61 -31.06
C THR B 85 13.99 -2.29 -31.44
N ASP B 86 15.10 -1.62 -31.16
CA ASP B 86 16.42 -2.18 -31.47
C ASP B 86 17.00 -2.94 -30.28
N TYR B 87 16.12 -3.52 -29.46
CA TYR B 87 16.54 -4.27 -28.28
C TYR B 87 17.23 -5.57 -28.65
N ARG B 88 18.38 -5.82 -28.04
CA ARG B 88 19.12 -7.06 -28.24
C ARG B 88 19.13 -7.87 -26.93
N HIS B 89 18.59 -9.07 -26.98
CA HIS B 89 18.43 -9.88 -25.76
C HIS B 89 19.75 -10.43 -25.23
N ARG B 90 19.98 -10.23 -23.95
CA ARG B 90 21.17 -10.75 -23.27
C ARG B 90 20.77 -11.41 -21.95
N VAL B 91 21.38 -12.55 -21.65
CA VAL B 91 21.08 -13.28 -20.44
C VAL B 91 22.32 -13.39 -19.55
N PHE B 92 22.14 -13.25 -18.25
CA PHE B 92 23.22 -13.51 -17.31
C PHE B 92 22.92 -14.76 -16.48
N ALA B 93 23.97 -15.42 -16.00
CA ALA B 93 23.82 -16.65 -15.25
C ALA B 93 24.32 -16.49 -13.82
N MET B 94 23.53 -16.99 -12.87
CA MET B 94 23.89 -16.91 -11.46
C MET B 94 24.42 -18.25 -10.97
N HIS B 95 25.66 -18.26 -10.50
CA HIS B 95 26.28 -19.48 -10.01
C HIS B 95 27.18 -19.21 -8.81
N ASN B 96 26.88 -19.88 -7.70
CA ASN B 96 27.63 -19.72 -6.45
C ASN B 96 27.75 -18.28 -5.98
N GLY B 97 26.65 -17.54 -6.04
CA GLY B 97 26.63 -16.15 -5.60
C GLY B 97 27.39 -15.22 -6.51
N GLN B 98 27.63 -15.64 -7.75
CA GLN B 98 28.34 -14.82 -8.72
C GLN B 98 27.59 -14.78 -10.06
N ALA B 99 27.52 -13.60 -10.65
CA ALA B 99 26.87 -13.43 -11.94
C ALA B 99 27.89 -13.55 -13.07
N TYR B 100 27.63 -14.49 -13.99
CA TYR B 100 28.53 -14.72 -15.12
C TYR B 100 27.95 -14.23 -16.44
N GLN B 101 28.82 -13.86 -17.36
CA GLN B 101 28.41 -13.56 -18.73
C GLN B 101 27.95 -14.85 -19.40
N PHE B 102 26.98 -14.73 -20.29
CA PHE B 102 26.31 -15.90 -20.85
C PHE B 102 25.81 -15.56 -22.25
N PRO B 103 25.80 -16.55 -23.16
CA PRO B 103 26.23 -17.94 -22.97
C PRO B 103 27.73 -18.15 -23.20
N MET B 104 28.06 -19.21 -23.91
CA MET B 104 29.45 -19.59 -24.15
C MET B 104 30.22 -18.54 -24.93
N GLY B 105 31.28 -18.03 -24.32
CA GLY B 105 32.12 -17.02 -24.95
C GLY B 105 33.33 -16.71 -24.10
N LEU B 106 34.14 -15.76 -24.54
CA LEU B 106 35.36 -15.40 -23.83
C LEU B 106 35.06 -14.77 -22.48
N GLY B 107 33.86 -14.20 -22.35
CA GLY B 107 33.45 -13.61 -21.08
C GLY B 107 33.22 -14.67 -20.03
N LEU B 108 32.49 -15.70 -20.40
CA LEU B 108 32.17 -16.81 -19.50
C LEU B 108 33.42 -17.59 -19.13
N VAL B 109 34.28 -17.84 -20.12
CA VAL B 109 35.49 -18.61 -19.92
C VAL B 109 36.46 -17.91 -18.99
N SER B 110 36.74 -16.63 -19.24
CA SER B 110 37.70 -15.89 -18.43
C SER B 110 37.20 -15.66 -17.01
N GLN B 111 35.89 -15.66 -16.82
CA GLN B 111 35.31 -15.49 -15.49
C GLN B 111 35.39 -16.79 -14.69
N PHE B 112 34.93 -17.88 -15.29
CA PHE B 112 34.86 -19.16 -14.62
C PHE B 112 36.26 -19.74 -14.33
N PHE B 113 37.20 -19.53 -15.23
CA PHE B 113 38.53 -20.11 -15.08
C PHE B 113 39.55 -19.14 -14.47
N GLY B 114 39.12 -17.92 -14.18
CA GLY B 114 39.92 -17.01 -13.39
C GLY B 114 40.91 -16.11 -14.11
N LYS B 115 41.15 -16.37 -15.39
CA LYS B 115 42.08 -15.52 -16.16
C LYS B 115 41.62 -15.38 -17.61
N TYR B 116 42.19 -14.38 -18.30
CA TYR B 116 41.81 -14.11 -19.68
C TYR B 116 42.38 -15.14 -20.65
N PHE B 117 41.51 -15.64 -21.53
CA PHE B 117 41.92 -16.57 -22.58
C PHE B 117 41.73 -15.95 -23.96
N THR B 118 42.78 -15.99 -24.78
CA THR B 118 42.67 -15.55 -26.17
C THR B 118 41.73 -16.50 -26.90
N PRO B 119 41.11 -16.04 -28.00
CA PRO B 119 40.27 -16.91 -28.81
C PRO B 119 40.93 -18.24 -29.16
N GLU B 120 42.23 -18.20 -29.44
CA GLU B 120 42.98 -19.40 -29.79
C GLU B 120 43.18 -20.29 -28.55
N GLN B 121 43.52 -19.67 -27.44
CA GLN B 121 43.74 -20.39 -26.19
C GLN B 121 42.44 -20.98 -25.66
N ALA B 122 41.34 -20.29 -25.90
CA ALA B 122 40.02 -20.75 -25.45
C ALA B 122 39.57 -21.99 -26.22
N ARG B 123 39.83 -22.01 -27.52
CA ARG B 123 39.47 -23.17 -28.34
C ARG B 123 40.24 -24.41 -27.89
N GLN B 124 41.50 -24.23 -27.51
CA GLN B 124 42.31 -25.35 -27.06
C GLN B 124 41.83 -25.88 -25.72
N LEU B 125 41.49 -24.98 -24.81
CA LEU B 125 41.02 -25.35 -23.49
C LEU B 125 39.74 -26.19 -23.54
N ILE B 126 38.79 -25.76 -24.37
CA ILE B 126 37.52 -26.46 -24.52
C ILE B 126 37.70 -27.79 -25.23
N ALA B 127 38.60 -27.81 -26.23
CA ALA B 127 38.88 -29.02 -26.98
C ALA B 127 39.40 -30.14 -26.09
N GLU B 128 40.17 -29.77 -25.07
CA GLU B 128 40.70 -30.73 -24.12
C GLU B 128 39.59 -31.29 -23.23
N GLN B 129 38.70 -30.41 -22.80
CA GLN B 129 37.62 -30.78 -21.88
C GLN B 129 36.44 -31.42 -22.61
N ALA B 130 36.46 -31.36 -23.93
CA ALA B 130 35.40 -31.96 -24.73
C ALA B 130 35.90 -33.18 -25.49
N ALA B 131 36.99 -33.76 -24.99
CA ALA B 131 37.64 -34.88 -25.67
C ALA B 131 36.90 -36.20 -25.42
N GLU B 132 35.87 -36.16 -24.59
CA GLU B 132 35.11 -37.37 -24.26
C GLU B 132 34.19 -37.78 -25.41
N ILE B 133 33.74 -36.81 -26.18
CA ILE B 133 32.78 -37.06 -27.25
C ILE B 133 32.89 -36.00 -28.35
N ASP B 134 32.74 -36.42 -29.60
CA ASP B 134 32.73 -35.49 -30.72
C ASP B 134 31.32 -34.98 -30.98
N THR B 135 31.22 -33.75 -31.46
CA THR B 135 29.93 -33.10 -31.67
C THR B 135 29.10 -33.79 -32.75
N ALA B 136 29.78 -34.32 -33.76
CA ALA B 136 29.10 -35.01 -34.86
C ALA B 136 28.45 -36.29 -34.37
N ASP B 137 29.01 -36.88 -33.32
CA ASP B 137 28.50 -38.14 -32.78
C ASP B 137 27.73 -37.92 -31.48
N ALA B 138 27.01 -36.80 -31.40
CA ALA B 138 26.24 -36.47 -30.21
C ALA B 138 24.80 -36.93 -30.35
N GLN B 139 24.38 -37.80 -29.43
CA GLN B 139 23.03 -38.38 -29.47
C GLN B 139 22.04 -37.55 -28.66
N ASN B 140 22.40 -37.26 -27.42
CA ASN B 140 21.50 -36.57 -26.50
C ASN B 140 22.02 -35.21 -26.06
N LEU B 141 21.31 -34.59 -25.11
CA LEU B 141 21.64 -33.25 -24.64
C LEU B 141 22.97 -33.22 -23.89
N GLU B 142 23.16 -34.18 -22.98
CA GLU B 142 24.36 -34.22 -22.15
C GLU B 142 25.63 -34.32 -22.99
N GLU B 143 25.64 -35.26 -23.93
CA GLU B 143 26.81 -35.47 -24.77
C GLU B 143 27.07 -34.26 -25.67
N LYS B 144 26.00 -33.72 -26.25
CA LYS B 144 26.12 -32.57 -27.13
C LYS B 144 26.64 -31.35 -26.39
N ALA B 145 26.17 -31.15 -25.16
CA ALA B 145 26.58 -30.01 -24.35
C ALA B 145 28.07 -30.06 -24.02
N ILE B 146 28.53 -31.24 -23.63
CA ILE B 146 29.94 -31.44 -23.29
C ILE B 146 30.83 -31.24 -24.51
N SER B 147 30.37 -31.71 -25.66
CA SER B 147 31.16 -31.62 -26.89
C SER B 147 31.25 -30.19 -27.43
N LEU B 148 30.53 -29.27 -26.80
CA LEU B 148 30.51 -27.88 -27.27
C LEU B 148 31.16 -26.92 -26.28
N ILE B 149 30.95 -27.14 -24.99
CA ILE B 149 31.45 -26.22 -23.97
C ILE B 149 32.35 -26.91 -22.96
N GLY B 150 32.51 -28.22 -23.08
CA GLY B 150 33.36 -28.97 -22.18
C GLY B 150 32.60 -29.42 -20.95
N ARG B 151 33.13 -30.41 -20.25
CA ARG B 151 32.47 -30.97 -19.07
C ARG B 151 32.42 -30.02 -17.86
N PRO B 152 33.54 -29.32 -17.53
CA PRO B 152 33.45 -28.42 -16.37
C PRO B 152 32.35 -27.36 -16.46
N LEU B 153 32.17 -26.76 -17.62
CA LEU B 153 31.13 -25.76 -17.81
C LEU B 153 29.75 -26.40 -17.87
N TYR B 154 29.70 -27.65 -18.32
CA TYR B 154 28.44 -28.39 -18.38
C TYR B 154 27.88 -28.62 -16.98
N GLU B 155 28.74 -29.01 -16.06
CA GLU B 155 28.33 -29.30 -14.68
C GLU B 155 27.85 -28.03 -13.97
N ALA B 156 28.42 -26.90 -14.35
CA ALA B 156 28.21 -25.65 -13.62
C ALA B 156 27.02 -24.85 -14.13
N PHE B 157 26.76 -24.88 -15.43
CA PHE B 157 25.75 -24.00 -16.02
C PHE B 157 24.64 -24.74 -16.76
N VAL B 158 24.85 -26.01 -17.08
CA VAL B 158 23.87 -26.74 -17.88
C VAL B 158 23.15 -27.83 -17.09
N LYS B 159 23.93 -28.68 -16.41
CA LYS B 159 23.39 -29.84 -15.72
C LYS B 159 22.32 -29.48 -14.68
N GLY B 160 22.60 -28.45 -13.88
CA GLY B 160 21.68 -28.03 -12.85
C GLY B 160 20.42 -27.39 -13.39
N TYR B 161 20.58 -26.45 -14.32
CA TYR B 161 19.46 -25.76 -14.95
C TYR B 161 18.54 -26.75 -15.66
N THR B 162 19.14 -27.70 -16.38
CA THR B 162 18.39 -28.71 -17.11
C THR B 162 17.58 -29.59 -16.16
N ALA B 163 18.13 -29.82 -14.97
CA ALA B 163 17.44 -30.61 -13.95
C ALA B 163 16.15 -29.94 -13.50
N LYS B 164 16.21 -28.64 -13.22
CA LYS B 164 15.06 -27.90 -12.74
C LYS B 164 14.03 -27.68 -13.85
N GLN B 165 14.52 -27.51 -15.08
CA GLN B 165 13.66 -27.18 -16.20
C GLN B 165 12.93 -28.41 -16.75
N TRP B 166 13.59 -29.56 -16.75
CA TRP B 166 13.04 -30.74 -17.40
C TRP B 166 12.73 -31.88 -16.44
N GLN B 167 13.47 -31.96 -15.34
CA GLN B 167 13.37 -33.07 -14.39
C GLN B 167 13.48 -34.41 -15.11
N THR B 168 14.36 -34.45 -16.10
CA THR B 168 14.56 -35.64 -16.92
C THR B 168 16.05 -35.87 -17.09
N ASP B 169 16.46 -37.14 -17.12
CA ASP B 169 17.87 -37.50 -17.30
C ASP B 169 18.44 -36.84 -18.54
N PRO B 170 19.52 -36.07 -18.38
CA PRO B 170 20.17 -35.34 -19.47
C PRO B 170 20.54 -36.23 -20.67
N LYS B 171 20.67 -37.53 -20.45
CA LYS B 171 20.99 -38.46 -21.53
C LYS B 171 19.75 -38.89 -22.29
N GLU B 172 18.59 -38.43 -21.85
CA GLU B 172 17.32 -38.79 -22.48
C GLU B 172 16.72 -37.63 -23.29
N LEU B 173 17.25 -36.43 -23.08
CA LEU B 173 16.76 -35.25 -23.76
C LEU B 173 17.44 -35.05 -25.11
N PRO B 174 16.70 -34.49 -26.09
CA PRO B 174 17.23 -34.23 -27.43
C PRO B 174 18.42 -33.28 -27.42
N ALA B 175 19.34 -33.46 -28.36
CA ALA B 175 20.52 -32.60 -28.46
C ALA B 175 20.16 -31.22 -28.98
N ALA B 176 19.03 -31.12 -29.67
CA ALA B 176 18.60 -29.86 -30.27
C ALA B 176 18.24 -28.81 -29.23
N ASN B 177 17.97 -29.24 -27.99
CA ASN B 177 17.64 -28.34 -26.91
C ASN B 177 18.79 -27.41 -26.55
N ILE B 178 19.99 -27.97 -26.43
CA ILE B 178 21.15 -27.21 -26.02
C ILE B 178 21.75 -26.42 -27.19
N THR B 179 21.45 -26.84 -28.41
CA THR B 179 21.97 -26.16 -29.59
C THR B 179 21.15 -24.92 -29.92
N ARG B 180 20.17 -24.60 -29.08
CA ARG B 180 19.44 -23.36 -29.19
C ARG B 180 20.33 -22.20 -28.75
N LEU B 181 21.26 -22.50 -27.84
CA LEU B 181 22.20 -21.50 -27.35
C LEU B 181 23.42 -21.43 -28.25
N PRO B 182 23.82 -20.21 -28.64
CA PRO B 182 25.00 -20.01 -29.49
C PRO B 182 26.31 -20.31 -28.75
N VAL B 183 27.25 -20.93 -29.44
CA VAL B 183 28.57 -21.21 -28.88
C VAL B 183 29.62 -20.39 -29.61
N ARG B 184 30.17 -19.39 -28.92
CA ARG B 184 31.11 -18.47 -29.55
C ARG B 184 32.48 -18.50 -28.87
N TYR B 185 33.48 -17.97 -29.55
CA TYR B 185 34.80 -17.77 -28.96
C TYR B 185 35.20 -16.31 -29.08
N THR B 186 34.19 -15.44 -28.94
CA THR B 186 34.39 -13.99 -28.88
C THR B 186 33.75 -13.46 -27.61
N PHE B 187 33.73 -12.14 -27.46
CA PHE B 187 33.08 -11.51 -26.31
C PHE B 187 31.64 -11.12 -26.61
N ASP B 188 31.10 -11.62 -27.72
CA ASP B 188 29.71 -11.40 -28.07
C ASP B 188 28.81 -12.20 -27.13
N ASN B 189 27.99 -11.51 -26.34
CA ASN B 189 27.10 -12.19 -25.40
C ASN B 189 25.62 -12.03 -25.77
N ARG B 190 25.35 -11.83 -27.05
CA ARG B 190 23.98 -11.82 -27.53
C ARG B 190 23.40 -13.23 -27.45
N TYR B 191 22.25 -13.35 -26.77
CA TYR B 191 21.68 -14.67 -26.51
C TYR B 191 21.14 -15.31 -27.78
N PHE B 192 20.85 -14.50 -28.79
CA PHE B 192 20.41 -15.02 -30.08
C PHE B 192 21.42 -14.66 -31.17
N SER B 193 21.38 -15.40 -32.26
CA SER B 193 22.30 -15.14 -33.37
C SER B 193 21.55 -15.03 -34.69
N ASP B 194 20.43 -14.31 -34.68
CA ASP B 194 19.64 -14.10 -35.88
C ASP B 194 19.87 -12.70 -36.44
N THR B 195 19.58 -12.53 -37.72
CA THR B 195 19.76 -11.25 -38.41
C THR B 195 18.89 -10.15 -37.82
N TYR B 196 17.60 -10.43 -37.68
CA TYR B 196 16.65 -9.43 -37.18
C TYR B 196 16.15 -9.79 -35.78
N GLU B 197 16.00 -8.77 -34.94
CA GLU B 197 15.63 -8.98 -33.55
C GLU B 197 15.08 -7.70 -32.93
N GLY B 198 14.03 -7.86 -32.11
CA GLY B 198 13.45 -6.72 -31.43
C GLY B 198 12.16 -7.03 -30.70
N LEU B 199 11.66 -6.04 -29.96
CA LEU B 199 10.39 -6.17 -29.27
C LEU B 199 9.34 -5.28 -29.93
N PRO B 200 8.08 -5.72 -29.92
CA PRO B 200 7.00 -4.89 -30.46
C PRO B 200 6.90 -3.56 -29.70
N THR B 201 7.03 -2.45 -30.43
CA THR B 201 7.08 -1.12 -29.83
C THR B 201 5.89 -0.83 -28.93
N ASP B 202 4.69 -1.18 -29.39
CA ASP B 202 3.48 -0.89 -28.63
C ASP B 202 2.95 -2.12 -27.88
N GLY B 203 3.83 -3.11 -27.67
CA GLY B 203 3.46 -4.29 -26.93
C GLY B 203 2.95 -5.43 -27.79
N TYR B 204 2.93 -6.63 -27.23
CA TYR B 204 2.53 -7.82 -27.97
C TYR B 204 1.04 -7.87 -28.28
N THR B 205 0.21 -7.40 -27.35
CA THR B 205 -1.23 -7.47 -27.52
C THR B 205 -1.69 -6.60 -28.69
N ALA B 206 -1.11 -5.41 -28.82
CA ALA B 206 -1.42 -4.51 -29.93
C ALA B 206 -1.04 -5.13 -31.27
N TRP B 207 0.08 -5.86 -31.27
CA TRP B 207 0.55 -6.59 -32.45
C TRP B 207 -0.47 -7.66 -32.86
N LEU B 208 -0.89 -8.46 -31.89
CA LEU B 208 -1.80 -9.57 -32.15
C LEU B 208 -3.21 -9.08 -32.53
N GLN B 209 -3.60 -7.93 -32.00
CA GLN B 209 -4.90 -7.36 -32.32
C GLN B 209 -4.94 -6.82 -33.75
N ASN B 210 -3.79 -6.42 -34.27
CA ASN B 210 -3.70 -5.93 -35.64
C ASN B 210 -3.84 -7.05 -36.67
N MET B 211 -3.40 -8.24 -36.29
CA MET B 211 -3.49 -9.40 -37.18
C MET B 211 -4.92 -9.91 -37.27
N ALA B 212 -5.65 -9.84 -36.16
CA ALA B 212 -7.03 -10.30 -36.12
C ALA B 212 -8.00 -9.13 -36.28
N ALA B 213 -7.54 -8.05 -36.92
CA ALA B 213 -8.32 -6.83 -37.03
C ALA B 213 -9.29 -6.86 -38.21
N ASP B 214 -9.00 -7.70 -39.19
CA ASP B 214 -9.79 -7.75 -40.42
C ASP B 214 -11.25 -8.11 -40.13
N HIS B 215 -12.17 -7.51 -40.89
CA HIS B 215 -13.59 -7.69 -40.64
C HIS B 215 -14.09 -9.08 -41.00
N ARG B 216 -13.30 -9.81 -41.80
CA ARG B 216 -13.65 -11.15 -42.22
C ARG B 216 -13.17 -12.20 -41.22
N ILE B 217 -12.59 -11.74 -40.12
CA ILE B 217 -12.12 -12.64 -39.07
C ILE B 217 -12.92 -12.43 -37.78
N GLU B 218 -13.61 -13.48 -37.36
CA GLU B 218 -14.35 -13.43 -36.09
C GLU B 218 -13.67 -14.28 -35.04
N VAL B 219 -13.41 -13.70 -33.88
CA VAL B 219 -12.77 -14.41 -32.78
C VAL B 219 -13.72 -14.58 -31.61
N ARG B 220 -13.99 -15.82 -31.23
CA ARG B 220 -14.86 -16.11 -30.10
C ARG B 220 -14.04 -16.58 -28.91
N LEU B 221 -13.89 -15.70 -27.93
CA LEU B 221 -13.12 -16.00 -26.72
C LEU B 221 -13.92 -16.90 -25.78
N ASN B 222 -13.23 -17.50 -24.82
CA ASN B 222 -13.86 -18.37 -23.82
C ASN B 222 -14.67 -19.50 -24.45
N THR B 223 -14.17 -20.02 -25.56
CA THR B 223 -14.88 -21.06 -26.29
C THR B 223 -13.97 -22.25 -26.60
N ASP B 224 -14.32 -23.42 -26.06
CA ASP B 224 -13.58 -24.63 -26.36
C ASP B 224 -14.12 -25.26 -27.63
N TRP B 225 -13.22 -25.62 -28.54
CA TRP B 225 -13.60 -26.18 -29.83
C TRP B 225 -14.37 -27.49 -29.70
N PHE B 226 -14.01 -28.28 -28.68
CA PHE B 226 -14.64 -29.59 -28.49
C PHE B 226 -16.07 -29.47 -27.97
N ASP B 227 -16.47 -28.26 -27.57
CA ASP B 227 -17.80 -28.03 -27.05
C ASP B 227 -18.76 -27.50 -28.12
N VAL B 228 -18.20 -26.96 -29.20
CA VAL B 228 -19.02 -26.26 -30.19
C VAL B 228 -18.86 -26.78 -31.60
N ARG B 229 -17.92 -27.68 -31.83
CA ARG B 229 -17.65 -28.17 -33.17
C ARG B 229 -18.81 -29.00 -33.72
N GLY B 230 -19.63 -29.54 -32.82
CA GLY B 230 -20.80 -30.29 -33.22
C GLY B 230 -21.87 -29.41 -33.83
N GLN B 231 -21.91 -28.15 -33.41
CA GLN B 231 -22.93 -27.21 -33.88
C GLN B 231 -22.42 -26.33 -35.01
N LEU B 232 -21.12 -26.07 -35.04
CA LEU B 232 -20.54 -25.13 -36.01
C LEU B 232 -20.35 -25.75 -37.39
N ARG B 233 -19.67 -26.89 -37.44
CA ARG B 233 -19.32 -27.54 -38.71
C ARG B 233 -20.52 -27.87 -39.63
N PRO B 234 -21.69 -28.23 -39.07
CA PRO B 234 -22.85 -28.36 -39.95
C PRO B 234 -23.19 -27.07 -40.70
N GLY B 235 -22.88 -25.92 -40.10
CA GLY B 235 -23.12 -24.63 -40.73
C GLY B 235 -22.20 -24.38 -41.90
N SER B 236 -21.02 -24.97 -41.87
CA SER B 236 -20.04 -24.83 -42.94
C SER B 236 -19.34 -26.17 -43.20
N PRO B 237 -20.01 -27.09 -43.91
CA PRO B 237 -19.51 -28.44 -44.13
C PRO B 237 -18.25 -28.51 -44.98
N ALA B 238 -18.07 -27.55 -45.89
CA ALA B 238 -16.93 -27.56 -46.79
C ALA B 238 -15.69 -26.93 -46.16
N ALA B 239 -15.89 -26.23 -45.04
CA ALA B 239 -14.80 -25.51 -44.39
C ALA B 239 -13.86 -26.43 -43.61
N PRO B 240 -12.55 -26.36 -43.92
CA PRO B 240 -11.53 -27.11 -43.20
C PRO B 240 -11.31 -26.56 -41.79
N VAL B 241 -10.54 -27.28 -40.98
CA VAL B 241 -10.24 -26.85 -39.62
C VAL B 241 -8.74 -26.89 -39.33
N VAL B 242 -8.20 -25.76 -38.89
CA VAL B 242 -6.80 -25.71 -38.49
C VAL B 242 -6.68 -25.77 -36.98
N TYR B 243 -6.19 -26.90 -36.48
CA TYR B 243 -6.09 -27.13 -35.04
C TYR B 243 -4.68 -26.87 -34.53
N THR B 244 -4.56 -26.02 -33.51
CA THR B 244 -3.25 -25.66 -32.97
C THR B 244 -3.17 -25.93 -31.47
N GLY B 245 -4.11 -26.71 -30.95
CA GLY B 245 -4.08 -27.11 -29.56
C GLY B 245 -3.24 -28.36 -29.37
N PRO B 246 -3.21 -28.91 -28.16
CA PRO B 246 -2.43 -30.13 -27.84
C PRO B 246 -2.82 -31.30 -28.74
N LEU B 247 -1.84 -31.86 -29.44
CA LEU B 247 -2.08 -32.94 -30.40
C LEU B 247 -2.67 -34.19 -29.75
N ASP B 248 -2.13 -34.58 -28.61
CA ASP B 248 -2.59 -35.78 -27.93
C ASP B 248 -4.00 -35.60 -27.33
N ARG B 249 -4.35 -34.36 -27.00
CA ARG B 249 -5.66 -34.08 -26.43
C ARG B 249 -6.76 -34.22 -27.48
N TYR B 250 -6.43 -33.94 -28.73
CA TYR B 250 -7.39 -34.01 -29.82
C TYR B 250 -7.97 -35.40 -29.98
N PHE B 251 -7.16 -36.42 -29.70
CA PHE B 251 -7.60 -37.80 -29.80
C PHE B 251 -7.89 -38.40 -28.43
N ASP B 252 -8.16 -37.51 -27.47
CA ASP B 252 -8.55 -37.90 -26.12
C ASP B 252 -7.52 -38.80 -25.45
N TYR B 253 -6.24 -38.59 -25.77
CA TYR B 253 -5.13 -39.36 -25.21
C TYR B 253 -5.31 -40.86 -25.42
N ALA B 254 -5.93 -41.24 -26.53
CA ALA B 254 -6.26 -42.64 -26.79
C ALA B 254 -5.02 -43.52 -26.92
N GLU B 255 -3.94 -42.97 -27.46
CA GLU B 255 -2.72 -43.73 -27.67
C GLU B 255 -1.76 -43.59 -26.49
N GLY B 256 -2.10 -42.70 -25.56
CA GLY B 256 -1.23 -42.42 -24.43
C GLY B 256 -0.95 -40.93 -24.31
N ARG B 257 -0.30 -40.54 -23.21
CA ARG B 257 -0.01 -39.15 -22.96
C ARG B 257 1.43 -38.77 -23.31
N LEU B 258 1.57 -37.72 -24.11
CA LEU B 258 2.89 -37.18 -24.44
C LEU B 258 3.46 -36.41 -23.25
N GLY B 259 4.77 -36.44 -23.11
CA GLY B 259 5.43 -35.73 -22.03
C GLY B 259 5.48 -34.23 -22.28
N TRP B 260 4.87 -33.47 -21.37
CA TRP B 260 4.89 -32.01 -21.46
C TRP B 260 5.47 -31.40 -20.20
N ARG B 261 6.10 -30.23 -20.33
CA ARG B 261 6.49 -29.42 -19.19
C ARG B 261 5.63 -28.17 -19.14
N THR B 262 5.15 -27.82 -17.96
CA THR B 262 4.34 -26.61 -17.80
C THR B 262 5.05 -25.62 -16.88
N LEU B 263 4.57 -24.38 -16.85
CA LEU B 263 5.24 -23.34 -16.07
C LEU B 263 4.30 -22.61 -15.11
N ASP B 264 4.83 -22.26 -13.95
CA ASP B 264 4.13 -21.43 -12.98
C ASP B 264 4.92 -20.14 -12.77
N PHE B 265 4.22 -19.02 -12.60
CA PHE B 265 4.89 -17.74 -12.44
C PHE B 265 4.48 -17.03 -11.16
N GLU B 266 5.45 -16.39 -10.50
CA GLU B 266 5.18 -15.53 -9.36
C GLU B 266 5.49 -14.09 -9.72
N VAL B 267 4.46 -13.27 -9.84
CA VAL B 267 4.64 -11.86 -10.18
C VAL B 267 4.57 -11.00 -8.91
N GLU B 268 5.59 -10.16 -8.72
CA GLU B 268 5.67 -9.34 -7.53
C GLU B 268 6.09 -7.91 -7.85
N VAL B 269 5.37 -6.95 -7.29
CA VAL B 269 5.76 -5.55 -7.41
C VAL B 269 6.60 -5.16 -6.19
N LEU B 270 7.83 -4.71 -6.46
CA LEU B 270 8.76 -4.36 -5.38
C LEU B 270 8.85 -2.85 -5.19
N PRO B 271 9.05 -2.42 -3.94
CA PRO B 271 9.16 -0.99 -3.61
C PRO B 271 10.53 -0.39 -3.92
N ILE B 272 11.29 -1.05 -4.80
CA ILE B 272 12.57 -0.51 -5.26
C ILE B 272 12.53 -0.27 -6.77
N GLY B 273 13.51 0.46 -7.28
CA GLY B 273 13.53 0.82 -8.69
C GLY B 273 14.19 -0.21 -9.58
N ASP B 274 15.09 -1.00 -9.02
CA ASP B 274 15.82 -1.99 -9.79
C ASP B 274 16.15 -3.21 -8.93
N PHE B 275 15.78 -4.39 -9.42
CA PHE B 275 15.97 -5.61 -8.66
C PHE B 275 17.28 -6.33 -8.98
N GLN B 276 17.61 -6.47 -10.27
CA GLN B 276 18.80 -7.21 -10.67
C GLN B 276 19.60 -6.51 -11.77
N GLY B 277 19.07 -5.39 -12.25
CA GLY B 277 19.80 -4.57 -13.21
C GLY B 277 19.88 -5.14 -14.62
N THR B 278 19.07 -6.16 -14.89
CA THR B 278 19.06 -6.77 -16.22
C THR B 278 17.70 -7.44 -16.48
N ALA B 279 17.42 -7.75 -17.73
CA ALA B 279 16.12 -8.27 -18.11
C ALA B 279 15.86 -9.69 -17.58
N VAL B 280 16.76 -10.61 -17.89
CA VAL B 280 16.60 -12.00 -17.48
C VAL B 280 17.85 -12.52 -16.76
N MET B 281 17.64 -13.09 -15.58
CA MET B 281 18.73 -13.68 -14.82
C MET B 281 18.48 -15.17 -14.60
N ASN B 282 19.32 -16.01 -15.21
CA ASN B 282 19.22 -17.45 -15.02
C ASN B 282 19.80 -17.88 -13.68
N TYR B 283 19.14 -18.82 -13.02
CA TYR B 283 19.68 -19.41 -11.79
C TYR B 283 20.02 -20.87 -12.01
N ASN B 284 21.32 -21.15 -12.13
CA ASN B 284 21.79 -22.47 -12.52
C ASN B 284 22.01 -23.41 -11.34
N ASP B 285 21.90 -22.89 -10.12
CA ASP B 285 22.11 -23.71 -8.92
C ASP B 285 20.82 -24.37 -8.46
N LEU B 286 20.96 -25.52 -7.80
CA LEU B 286 19.81 -26.31 -7.35
C LEU B 286 19.28 -25.86 -5.99
N ASP B 287 19.99 -24.94 -5.34
CA ASP B 287 19.56 -24.44 -4.03
C ASP B 287 18.46 -23.38 -4.18
N VAL B 288 17.94 -23.27 -5.40
CA VAL B 288 16.89 -22.33 -5.72
C VAL B 288 15.83 -23.01 -6.60
N PRO B 289 14.56 -22.89 -6.23
CA PRO B 289 13.47 -23.60 -6.91
C PRO B 289 13.16 -23.10 -8.31
N TYR B 290 13.37 -21.81 -8.57
CA TYR B 290 13.00 -21.22 -9.86
C TYR B 290 14.16 -21.25 -10.86
N THR B 291 13.83 -21.32 -12.14
CA THR B 291 14.84 -21.40 -13.19
C THR B 291 15.43 -20.03 -13.54
N ARG B 292 14.60 -19.00 -13.53
CA ARG B 292 15.05 -17.66 -13.87
C ARG B 292 14.12 -16.58 -13.35
N ILE B 293 14.61 -15.34 -13.37
CA ILE B 293 13.82 -14.20 -12.93
C ILE B 293 13.81 -13.13 -14.01
N HIS B 294 12.62 -12.62 -14.33
CA HIS B 294 12.46 -11.57 -15.32
C HIS B 294 12.23 -10.22 -14.64
N GLU B 295 12.91 -9.19 -15.12
CA GLU B 295 12.60 -7.82 -14.70
C GLU B 295 12.20 -7.01 -15.92
N PHE B 296 10.90 -6.83 -16.09
CA PHE B 296 10.34 -6.38 -17.37
C PHE B 296 10.66 -4.94 -17.76
N ARG B 297 11.15 -4.14 -16.82
CA ARG B 297 11.46 -2.75 -17.13
C ARG B 297 12.69 -2.65 -18.02
N HIS B 298 13.55 -3.68 -17.97
CA HIS B 298 14.77 -3.68 -18.76
C HIS B 298 14.52 -4.18 -20.18
N PHE B 299 13.27 -4.53 -20.48
CA PHE B 299 12.88 -4.95 -21.83
C PHE B 299 12.64 -3.73 -22.71
N HIS B 300 12.16 -2.65 -22.11
CA HIS B 300 11.90 -1.42 -22.84
C HIS B 300 12.59 -0.22 -22.20
N PRO B 301 13.91 -0.08 -22.41
CA PRO B 301 14.68 1.04 -21.86
C PRO B 301 14.27 2.38 -22.47
N GLU B 302 13.68 2.34 -23.66
CA GLU B 302 13.27 3.56 -24.35
C GLU B 302 12.10 4.22 -23.63
N ARG B 303 11.31 3.43 -22.92
CA ARG B 303 10.23 3.97 -22.11
C ARG B 303 10.76 4.39 -20.74
N ASP B 304 10.23 5.49 -20.21
CA ASP B 304 10.64 5.96 -18.89
C ASP B 304 9.61 5.59 -17.83
N TYR B 305 9.89 4.51 -17.12
CA TYR B 305 9.02 4.05 -16.05
C TYR B 305 9.42 4.69 -14.72
N ARG B 306 8.53 4.64 -13.74
CA ARG B 306 8.82 5.17 -12.41
C ARG B 306 10.00 4.43 -11.79
N THR B 307 10.78 5.13 -10.98
CA THR B 307 12.01 4.57 -10.43
C THR B 307 11.90 4.22 -8.96
N ASP B 308 10.68 4.17 -8.43
CA ASP B 308 10.46 3.81 -7.04
C ASP B 308 9.81 2.44 -6.92
N LYS B 309 9.38 1.90 -8.05
CA LYS B 309 8.76 0.57 -8.08
C LYS B 309 9.24 -0.22 -9.30
N THR B 310 9.17 -1.55 -9.20
CA THR B 310 9.55 -2.42 -10.29
C THR B 310 8.78 -3.74 -10.24
N VAL B 311 8.64 -4.40 -11.38
CA VAL B 311 7.94 -5.67 -11.45
C VAL B 311 8.89 -6.79 -11.83
N ILE B 312 8.90 -7.85 -11.03
CA ILE B 312 9.70 -9.03 -11.34
C ILE B 312 8.82 -10.26 -11.44
N MET B 313 9.34 -11.32 -12.07
CA MET B 313 8.59 -12.55 -12.25
C MET B 313 9.51 -13.77 -12.14
N ARG B 314 9.25 -14.60 -11.13
CA ARG B 314 9.99 -15.85 -10.96
C ARG B 314 9.33 -16.96 -11.76
N GLU B 315 10.15 -17.83 -12.36
CA GLU B 315 9.64 -18.88 -13.24
C GLU B 315 9.91 -20.27 -12.68
N TYR B 316 8.85 -21.03 -12.46
CA TYR B 316 8.94 -22.39 -11.92
C TYR B 316 8.50 -23.41 -12.96
N SER B 317 9.16 -24.57 -12.96
CA SER B 317 8.90 -25.61 -13.95
C SER B 317 8.45 -26.92 -13.32
N ARG B 318 7.45 -27.56 -13.93
CA ARG B 318 6.97 -28.87 -13.47
C ARG B 318 6.30 -29.63 -14.59
N PHE B 319 5.98 -30.91 -14.34
CA PHE B 319 5.30 -31.72 -15.33
C PHE B 319 3.86 -31.28 -15.55
N ALA B 320 3.44 -31.20 -16.80
CA ALA B 320 2.07 -30.84 -17.14
C ALA B 320 1.14 -32.02 -16.94
N GLU B 321 0.13 -31.85 -16.09
CA GLU B 321 -0.83 -32.91 -15.82
C GLU B 321 -2.07 -32.80 -16.69
N ASP B 322 -3.18 -33.33 -16.19
CA ASP B 322 -4.40 -33.51 -16.99
C ASP B 322 -4.94 -32.22 -17.62
N ASP B 323 -5.31 -31.25 -16.79
CA ASP B 323 -5.93 -30.04 -17.30
C ASP B 323 -4.94 -28.88 -17.44
N ASP B 324 -3.69 -29.14 -17.10
CA ASP B 324 -2.65 -28.12 -17.20
C ASP B 324 -2.39 -27.73 -18.66
N GLU B 325 -2.07 -26.46 -18.86
CA GLU B 325 -1.70 -25.97 -20.19
C GLU B 325 -0.23 -26.28 -20.45
N PRO B 326 0.05 -27.07 -21.49
CA PRO B 326 1.41 -27.48 -21.84
C PRO B 326 2.24 -26.34 -22.43
N TYR B 327 3.53 -26.31 -22.12
CA TYR B 327 4.44 -25.28 -22.61
C TYR B 327 5.57 -25.87 -23.45
N TYR B 328 6.23 -26.89 -22.90
CA TYR B 328 7.37 -27.51 -23.55
C TYR B 328 7.15 -29.00 -23.83
N PRO B 329 7.38 -29.42 -25.08
CA PRO B 329 7.44 -30.85 -25.38
C PRO B 329 8.76 -31.45 -24.94
N ILE B 330 8.73 -32.51 -24.13
CA ILE B 330 9.95 -33.11 -23.60
C ILE B 330 10.70 -33.88 -24.69
N ASN B 331 9.96 -34.58 -25.54
CA ASN B 331 10.51 -35.29 -26.69
C ASN B 331 11.59 -36.32 -26.35
N THR B 332 11.32 -37.19 -25.39
CA THR B 332 12.19 -38.33 -25.13
C THR B 332 12.01 -39.36 -26.24
N GLU B 333 12.81 -40.42 -26.22
CA GLU B 333 12.72 -41.45 -27.24
C GLU B 333 11.35 -42.13 -27.20
N ALA B 334 10.79 -42.26 -25.99
CA ALA B 334 9.45 -42.80 -25.83
C ALA B 334 8.40 -41.82 -26.37
N ASP B 335 8.64 -40.53 -26.17
CA ASP B 335 7.73 -39.49 -26.66
C ASP B 335 7.70 -39.45 -28.18
N ARG B 336 8.86 -39.53 -28.80
CA ARG B 336 8.96 -39.51 -30.26
C ARG B 336 8.27 -40.72 -30.88
N ALA B 337 8.25 -41.83 -30.14
CA ALA B 337 7.56 -43.03 -30.58
C ALA B 337 6.06 -42.81 -30.58
N LEU B 338 5.55 -42.32 -29.45
CA LEU B 338 4.13 -42.01 -29.31
C LEU B 338 3.70 -40.94 -30.30
N LEU B 339 4.58 -39.98 -30.55
CA LEU B 339 4.31 -38.90 -31.49
C LEU B 339 4.04 -39.44 -32.88
N ALA B 340 4.83 -40.44 -33.29
CA ALA B 340 4.68 -41.04 -34.61
C ALA B 340 3.30 -41.66 -34.79
N THR B 341 2.75 -42.20 -33.69
CA THR B 341 1.43 -42.79 -33.71
C THR B 341 0.36 -41.73 -33.94
N TYR B 342 0.47 -40.62 -33.23
CA TYR B 342 -0.49 -39.52 -33.35
C TYR B 342 -0.40 -38.84 -34.72
N ARG B 343 0.79 -38.83 -35.31
CA ARG B 343 0.96 -38.26 -36.64
C ARG B 343 0.21 -39.10 -37.66
N ALA B 344 0.10 -40.40 -37.40
CA ALA B 344 -0.67 -41.29 -38.26
C ALA B 344 -2.16 -41.02 -38.11
N ARG B 345 -2.60 -40.88 -36.86
CA ARG B 345 -3.99 -40.56 -36.58
C ARG B 345 -4.35 -39.18 -37.13
N ALA B 346 -3.38 -38.27 -37.08
CA ALA B 346 -3.58 -36.91 -37.60
C ALA B 346 -3.67 -36.93 -39.11
N LYS B 347 -2.81 -37.70 -39.75
CA LYS B 347 -2.82 -37.85 -41.20
C LYS B 347 -4.14 -38.45 -41.66
N SER B 348 -4.73 -39.29 -40.80
CA SER B 348 -6.01 -39.91 -41.10
C SER B 348 -7.16 -38.93 -40.95
N GLU B 349 -7.11 -38.10 -39.91
CA GLU B 349 -8.15 -37.10 -39.67
C GLU B 349 -8.20 -36.04 -40.77
N THR B 350 -7.07 -35.82 -41.43
CA THR B 350 -6.99 -34.85 -42.50
C THR B 350 -7.77 -35.33 -43.72
N ALA B 351 -7.80 -36.63 -43.93
CA ALA B 351 -8.43 -37.22 -45.10
C ALA B 351 -9.94 -37.44 -44.92
N SER B 352 -10.38 -37.53 -43.68
CA SER B 352 -11.77 -37.88 -43.39
C SER B 352 -12.64 -36.66 -43.05
N SER B 353 -12.04 -35.63 -42.46
CA SER B 353 -12.82 -34.48 -42.01
C SER B 353 -12.11 -33.14 -42.20
N LYS B 354 -11.11 -33.12 -43.08
CA LYS B 354 -10.38 -31.89 -43.43
C LYS B 354 -9.82 -31.15 -42.22
N VAL B 355 -9.14 -31.87 -41.33
CA VAL B 355 -8.57 -31.26 -40.13
C VAL B 355 -7.04 -31.21 -40.20
N LEU B 356 -6.50 -30.00 -40.25
CA LEU B 356 -5.05 -29.81 -40.30
C LEU B 356 -4.45 -29.60 -38.92
N PHE B 357 -3.19 -29.98 -38.76
CA PHE B 357 -2.50 -29.83 -37.49
C PHE B 357 -1.24 -29.00 -37.64
N GLY B 358 -1.11 -27.96 -36.81
CA GLY B 358 0.04 -27.09 -36.86
C GLY B 358 0.30 -26.39 -35.54
N GLY B 359 1.45 -25.75 -35.45
CA GLY B 359 1.82 -25.01 -34.25
C GLY B 359 2.67 -25.80 -33.29
N ARG B 360 3.06 -25.14 -32.20
CA ARG B 360 3.90 -25.75 -31.18
C ARG B 360 3.21 -26.93 -30.49
N LEU B 361 1.96 -26.72 -30.09
CA LEU B 361 1.20 -27.75 -29.39
C LEU B 361 0.63 -28.79 -30.35
N GLY B 362 0.25 -28.36 -31.54
CA GLY B 362 -0.36 -29.22 -32.52
C GLY B 362 0.59 -30.17 -33.22
N THR B 363 1.89 -29.94 -33.05
CA THR B 363 2.89 -30.77 -33.72
C THR B 363 3.93 -31.33 -32.74
N TYR B 364 3.77 -31.01 -31.45
CA TYR B 364 4.69 -31.47 -30.41
C TYR B 364 6.12 -31.04 -30.72
N GLN B 365 6.28 -29.77 -31.06
CA GLN B 365 7.58 -29.25 -31.46
C GLN B 365 8.04 -28.09 -30.58
N TYR B 366 9.35 -28.01 -30.36
CA TYR B 366 9.95 -26.90 -29.63
C TYR B 366 10.11 -25.71 -30.57
N LEU B 367 9.02 -25.02 -30.85
CA LEU B 367 9.01 -23.93 -31.83
C LEU B 367 9.08 -22.55 -31.21
N ASP B 368 9.75 -21.63 -31.89
CA ASP B 368 9.77 -20.22 -31.51
C ASP B 368 8.72 -19.46 -32.32
N MET B 369 8.51 -18.20 -31.97
CA MET B 369 7.50 -17.38 -32.64
C MET B 369 7.70 -17.29 -34.15
N HIS B 370 8.94 -17.06 -34.57
CA HIS B 370 9.24 -16.90 -35.99
C HIS B 370 9.15 -18.23 -36.73
N MET B 371 9.48 -19.32 -36.04
CA MET B 371 9.36 -20.65 -36.63
C MET B 371 7.89 -21.05 -36.77
N ALA B 372 7.07 -20.55 -35.84
CA ALA B 372 5.63 -20.81 -35.88
C ALA B 372 4.96 -20.04 -37.02
N ILE B 373 5.38 -18.80 -37.21
CA ILE B 373 4.85 -17.97 -38.29
C ILE B 373 5.28 -18.49 -39.66
N ALA B 374 6.56 -18.84 -39.78
CA ALA B 374 7.09 -19.41 -41.03
C ALA B 374 6.36 -20.70 -41.38
N SER B 375 6.09 -21.52 -40.36
CA SER B 375 5.37 -22.77 -40.53
C SER B 375 3.95 -22.51 -41.01
N ALA B 376 3.34 -21.45 -40.50
CA ALA B 376 1.98 -21.09 -40.89
C ALA B 376 1.94 -20.59 -42.33
N LEU B 377 2.97 -19.85 -42.73
CA LEU B 377 3.08 -19.36 -44.10
C LEU B 377 3.23 -20.50 -45.09
N ASN B 378 4.05 -21.50 -44.71
CA ASN B 378 4.24 -22.68 -45.57
C ASN B 378 2.97 -23.51 -45.71
N MET B 379 2.20 -23.62 -44.63
CA MET B 379 0.93 -24.34 -44.67
C MET B 379 -0.06 -23.61 -45.57
N TYR B 380 -0.07 -22.29 -45.49
CA TYR B 380 -0.95 -21.49 -46.33
C TYR B 380 -0.59 -21.65 -47.81
N ASP B 381 0.67 -21.37 -48.15
CA ASP B 381 1.13 -21.39 -49.54
C ASP B 381 0.98 -22.75 -50.23
N ASN B 382 1.23 -23.83 -49.50
CA ASN B 382 1.29 -25.15 -50.10
C ASN B 382 0.03 -25.99 -49.92
N VAL B 383 -0.66 -25.81 -48.80
CA VAL B 383 -1.82 -26.64 -48.49
C VAL B 383 -3.15 -25.88 -48.56
N LEU B 384 -3.31 -24.87 -47.72
CA LEU B 384 -4.59 -24.18 -47.57
C LEU B 384 -5.00 -23.37 -48.80
N ALA B 385 -4.07 -22.60 -49.36
CA ALA B 385 -4.39 -21.77 -50.51
C ALA B 385 -4.81 -22.59 -51.75
N PRO B 386 -4.07 -23.65 -52.09
CA PRO B 386 -4.53 -24.42 -53.25
C PRO B 386 -5.89 -25.10 -53.03
N HIS B 387 -6.26 -25.33 -51.78
CA HIS B 387 -7.51 -26.01 -51.46
C HIS B 387 -8.70 -25.05 -51.49
N LEU B 388 -8.58 -23.94 -50.79
CA LEU B 388 -9.68 -22.98 -50.66
C LEU B 388 -9.89 -22.17 -51.94
N ARG B 389 -8.94 -22.28 -52.86
CA ARG B 389 -8.98 -21.45 -54.07
C ARG B 389 -9.03 -22.29 -55.34
N ASP B 390 -8.32 -23.42 -55.35
CA ASP B 390 -8.20 -24.23 -56.57
C ASP B 390 -8.70 -25.66 -56.39
N GLY B 391 -9.39 -25.92 -55.29
CA GLY B 391 -10.00 -27.23 -55.07
C GLY B 391 -9.05 -28.39 -54.85
N VAL B 392 -7.76 -28.10 -54.76
CA VAL B 392 -6.75 -29.12 -54.51
C VAL B 392 -6.95 -29.78 -53.15
N PRO B 393 -6.93 -31.13 -53.11
CA PRO B 393 -7.07 -31.87 -51.85
C PRO B 393 -5.98 -31.50 -50.84
N LEU B 394 -6.28 -31.70 -49.55
CA LEU B 394 -5.37 -31.31 -48.48
C LEU B 394 -4.16 -32.24 -48.37
N LEU B 395 -4.30 -33.47 -48.87
CA LEU B 395 -3.25 -34.47 -48.75
C LEU B 395 -2.53 -34.69 -50.07
N GLN B 396 -1.30 -35.18 -49.99
CA GLN B 396 -0.49 -35.44 -51.18
C GLN B 396 -0.65 -36.88 -51.66
N MET C 4 50.92 27.81 23.55
CA MET C 4 49.61 27.21 23.74
C MET C 4 48.77 27.30 22.47
N THR C 5 47.85 26.36 22.30
CA THR C 5 46.95 26.37 21.16
C THR C 5 45.52 26.70 21.59
N ALA C 6 44.58 26.53 20.67
CA ALA C 6 43.19 26.86 20.93
C ALA C 6 42.53 25.86 21.87
N ARG C 7 41.84 26.38 22.88
CA ARG C 7 41.09 25.54 23.82
C ARG C 7 39.85 24.96 23.14
N PHE C 8 39.02 25.85 22.59
CA PHE C 8 37.83 25.44 21.87
C PHE C 8 37.85 25.96 20.43
N ASP C 9 37.09 25.31 19.56
CA ASP C 9 37.01 25.73 18.16
C ASP C 9 35.78 26.61 17.93
N LEU C 10 34.87 26.61 18.89
CA LEU C 10 33.61 27.33 18.74
C LEU C 10 32.92 27.57 20.08
N PHE C 11 32.31 28.74 20.22
CA PHE C 11 31.49 29.04 21.39
C PHE C 11 30.02 29.11 21.02
N VAL C 12 29.18 28.48 21.82
CA VAL C 12 27.74 28.51 21.60
C VAL C 12 27.00 28.96 22.85
N VAL C 13 26.24 30.04 22.73
CA VAL C 13 25.51 30.58 23.86
C VAL C 13 24.05 30.15 23.82
N GLY C 14 23.63 29.37 24.80
CA GLY C 14 22.27 28.85 24.85
C GLY C 14 22.20 27.42 24.36
N SER C 15 21.56 26.56 25.13
CA SER C 15 21.46 25.15 24.77
C SER C 15 20.06 24.78 24.29
N GLY C 16 19.44 25.69 23.54
CA GLY C 16 18.17 25.40 22.89
C GLY C 16 18.38 24.53 21.68
N PHE C 17 17.33 24.29 20.91
CA PHE C 17 17.44 23.43 19.74
C PHE C 17 18.38 24.01 18.69
N PHE C 18 18.44 25.33 18.61
CA PHE C 18 19.34 25.97 17.64
C PHE C 18 20.79 25.74 18.04
N GLY C 19 21.12 26.04 19.28
CA GLY C 19 22.47 25.90 19.78
C GLY C 19 22.96 24.47 19.76
N LEU C 20 22.12 23.54 20.21
CA LEU C 20 22.49 22.13 20.25
C LEU C 20 22.67 21.55 18.85
N THR C 21 21.84 21.99 17.90
CA THR C 21 21.97 21.52 16.53
C THR C 21 23.29 22.01 15.93
N ILE C 22 23.64 23.26 16.23
CA ILE C 22 24.91 23.81 15.79
C ILE C 22 26.08 23.07 16.43
N ALA C 23 26.03 22.90 17.74
CA ALA C 23 27.12 22.26 18.48
C ALA C 23 27.32 20.81 18.06
N GLU C 24 26.22 20.11 17.79
CA GLU C 24 26.29 18.71 17.38
C GLU C 24 26.91 18.56 15.99
N ARG C 25 26.51 19.44 15.07
CA ARG C 25 27.03 19.37 13.69
C ARG C 25 28.52 19.68 13.63
N VAL C 26 28.95 20.69 14.37
CA VAL C 26 30.36 21.09 14.39
C VAL C 26 31.23 20.00 15.01
N ALA C 27 30.75 19.40 16.08
CA ALA C 27 31.51 18.40 16.82
C ALA C 27 31.63 17.08 16.07
N THR C 28 30.53 16.61 15.49
CA THR C 28 30.49 15.28 14.89
C THR C 28 30.98 15.26 13.45
N GLN C 29 30.69 16.32 12.69
CA GLN C 29 31.00 16.34 11.27
C GLN C 29 32.36 16.96 10.96
N LEU C 30 32.82 17.85 11.83
CA LEU C 30 34.08 18.57 11.58
C LEU C 30 35.17 18.18 12.58
N ASP C 31 34.80 17.38 13.58
CA ASP C 31 35.72 16.95 14.63
C ASP C 31 36.34 18.14 15.37
N LYS C 32 35.48 18.95 15.98
CA LYS C 32 35.92 20.15 16.68
C LYS C 32 35.38 20.17 18.11
N ARG C 33 36.13 20.82 19.01
CA ARG C 33 35.68 20.99 20.39
C ARG C 33 34.78 22.22 20.53
N VAL C 34 33.57 22.00 21.04
CA VAL C 34 32.60 23.08 21.20
C VAL C 34 32.23 23.28 22.66
N LEU C 35 32.22 24.54 23.11
CA LEU C 35 31.77 24.87 24.45
C LEU C 35 30.39 25.53 24.39
N VAL C 36 29.44 24.93 25.10
CA VAL C 36 28.08 25.47 25.15
C VAL C 36 27.80 26.06 26.53
N LEU C 37 27.37 27.32 26.56
CA LEU C 37 27.11 27.99 27.81
C LEU C 37 25.63 28.27 28.02
N GLU C 38 25.05 27.64 29.04
CA GLU C 38 23.65 27.82 29.40
C GLU C 38 23.55 28.44 30.79
N ARG C 39 22.74 29.48 30.91
CA ARG C 39 22.61 30.17 32.20
C ARG C 39 21.51 29.57 33.05
N ARG C 40 20.71 28.70 32.44
CA ARG C 40 19.67 27.96 33.16
C ARG C 40 20.26 26.73 33.85
N PRO C 41 19.62 26.25 34.93
CA PRO C 41 20.07 25.07 35.67
C PRO C 41 20.06 23.77 34.85
N HIS C 42 19.48 23.82 33.65
CA HIS C 42 19.41 22.65 32.79
C HIS C 42 19.44 23.04 31.32
N ILE C 43 19.59 22.05 30.45
CA ILE C 43 19.66 22.31 29.01
C ILE C 43 18.30 22.19 28.33
N GLY C 44 18.26 22.53 27.05
CA GLY C 44 17.07 22.32 26.25
C GLY C 44 16.25 23.56 25.98
N GLY C 45 16.63 24.67 26.60
CA GLY C 45 15.89 25.91 26.44
C GLY C 45 14.49 25.80 27.00
N ASN C 46 13.50 26.19 26.21
CA ASN C 46 12.11 26.13 26.63
C ASN C 46 11.48 24.77 26.34
N ALA C 47 12.27 23.84 25.82
CA ALA C 47 11.78 22.51 25.50
C ALA C 47 12.02 21.53 26.65
N TYR C 48 12.65 22.02 27.73
CA TYR C 48 12.97 21.17 28.87
C TYR C 48 11.72 20.60 29.53
N SER C 49 11.64 19.28 29.60
CA SER C 49 10.52 18.60 30.26
C SER C 49 10.96 17.98 31.57
N GLU C 50 9.99 17.73 32.45
CA GLU C 50 10.29 17.23 33.79
C GLU C 50 9.13 16.38 34.31
N ALA C 51 9.46 15.27 34.97
CA ALA C 51 8.44 14.36 35.48
C ALA C 51 7.88 14.85 36.81
N GLU C 52 6.55 14.92 36.89
CA GLU C 52 5.87 15.32 38.12
C GLU C 52 5.87 14.16 39.10
N PRO C 53 6.40 14.40 40.32
CA PRO C 53 6.66 13.34 41.33
C PRO C 53 5.43 12.52 41.71
N GLN C 54 4.28 13.16 41.92
CA GLN C 54 3.10 12.44 42.39
C GLN C 54 2.52 11.47 41.36
N THR C 55 2.63 11.82 40.08
CA THR C 55 2.00 11.02 39.04
C THR C 55 2.99 10.34 38.13
N GLY C 56 4.15 10.97 37.91
CA GLY C 56 5.14 10.45 36.99
C GLY C 56 4.95 11.02 35.59
N ILE C 57 3.89 11.81 35.43
CA ILE C 57 3.57 12.43 34.15
C ILE C 57 4.61 13.46 33.73
N GLU C 58 5.07 13.36 32.48
CA GLU C 58 6.01 14.34 31.93
C GLU C 58 5.34 15.70 31.75
N VAL C 59 5.98 16.74 32.27
CA VAL C 59 5.44 18.09 32.22
C VAL C 59 6.35 19.04 31.46
N HIS C 60 5.83 19.64 30.39
CA HIS C 60 6.57 20.66 29.66
C HIS C 60 6.59 21.96 30.46
N LYS C 61 7.72 22.24 31.10
CA LYS C 61 7.83 23.32 32.08
C LYS C 61 7.63 24.72 31.48
N TYR C 62 7.94 24.88 30.20
CA TYR C 62 7.86 26.19 29.57
C TYR C 62 6.83 26.22 28.44
N GLY C 63 5.70 25.56 28.65
CA GLY C 63 4.64 25.54 27.67
C GLY C 63 4.66 24.27 26.85
N ALA C 64 3.49 23.88 26.34
CA ALA C 64 3.37 22.65 25.56
C ALA C 64 4.22 22.71 24.30
N HIS C 65 4.88 21.61 23.99
CA HIS C 65 5.73 21.52 22.81
C HIS C 65 5.37 20.33 21.94
N LEU C 66 4.94 20.60 20.72
CA LEU C 66 4.60 19.55 19.77
C LEU C 66 5.49 19.69 18.53
N PHE C 67 6.19 18.63 18.17
CA PHE C 67 7.08 18.68 17.01
C PHE C 67 6.35 18.31 15.72
N HIS C 68 6.58 19.11 14.68
CA HIS C 68 5.92 18.92 13.39
C HIS C 68 6.73 19.59 12.28
N THR C 69 6.88 18.90 11.16
CA THR C 69 7.59 19.46 10.00
C THR C 69 7.23 18.73 8.70
N SER C 70 7.47 19.41 7.58
CA SER C 70 7.32 18.78 6.27
C SER C 70 8.69 18.60 5.62
N ASN C 71 9.69 19.26 6.21
CA ASN C 71 11.07 19.12 5.80
C ASN C 71 11.61 17.73 6.17
N LYS C 72 11.91 16.91 5.15
CA LYS C 72 12.34 15.54 5.40
C LYS C 72 13.78 15.48 5.90
N ARG C 73 14.58 16.48 5.54
CA ARG C 73 15.96 16.54 6.00
C ARG C 73 16.01 16.74 7.51
N VAL C 74 15.13 17.61 8.01
CA VAL C 74 15.03 17.86 9.44
C VAL C 74 14.47 16.63 10.15
N TRP C 75 13.45 16.03 9.56
CA TRP C 75 12.81 14.84 10.13
C TRP C 75 13.80 13.69 10.31
N ASP C 76 14.61 13.44 9.29
CA ASP C 76 15.61 12.37 9.37
C ASP C 76 16.72 12.72 10.35
N TYR C 77 16.97 14.01 10.54
CA TYR C 77 18.03 14.46 11.42
C TYR C 77 17.67 14.28 12.89
N VAL C 78 16.44 14.67 13.26
CA VAL C 78 16.02 14.59 14.66
C VAL C 78 15.80 13.14 15.11
N ARG C 79 15.55 12.25 14.15
CA ARG C 79 15.30 10.84 14.46
C ARG C 79 16.60 10.10 14.78
N GLN C 80 17.72 10.82 14.72
CA GLN C 80 19.01 10.24 15.09
C GLN C 80 19.20 10.30 16.60
N PHE C 81 18.33 11.04 17.28
CA PHE C 81 18.49 11.30 18.70
C PHE C 81 17.30 10.83 19.52
N THR C 82 16.18 10.56 18.85
CA THR C 82 14.98 10.13 19.54
C THR C 82 13.99 9.44 18.62
N ASP C 83 13.09 8.66 19.20
CA ASP C 83 11.95 8.13 18.46
C ASP C 83 10.76 9.03 18.69
N PHE C 84 9.75 8.91 17.83
CA PHE C 84 8.54 9.73 17.95
C PHE C 84 7.28 8.87 17.97
N THR C 85 6.31 9.28 18.78
CA THR C 85 5.02 8.62 18.81
C THR C 85 4.15 9.12 17.66
N ASP C 86 3.07 8.40 17.38
CA ASP C 86 2.18 8.79 16.28
C ASP C 86 1.09 9.74 16.78
N TYR C 87 1.43 10.55 17.77
CA TYR C 87 0.49 11.51 18.34
C TYR C 87 0.19 12.64 17.36
N ARG C 88 -1.09 12.93 17.17
CA ARG C 88 -1.52 14.04 16.33
C ARG C 88 -2.21 15.11 17.18
N HIS C 89 -1.67 16.32 17.15
CA HIS C 89 -2.16 17.38 18.03
C HIS C 89 -3.50 17.96 17.57
N ARG C 90 -4.44 18.02 18.50
CA ARG C 90 -5.75 18.62 18.26
C ARG C 90 -6.10 19.56 19.41
N VAL C 91 -6.71 20.70 19.07
CA VAL C 91 -7.08 21.69 20.06
C VAL C 91 -8.59 21.94 20.06
N PHE C 92 -9.18 22.03 21.25
CA PHE C 92 -10.58 22.41 21.38
C PHE C 92 -10.69 23.81 21.96
N ALA C 93 -11.76 24.52 21.61
CA ALA C 93 -11.92 25.91 22.03
C ALA C 93 -13.17 26.11 22.88
N MET C 94 -13.02 26.88 23.95
CA MET C 94 -14.12 27.14 24.88
C MET C 94 -14.72 28.52 24.64
N HIS C 95 -16.02 28.58 24.41
CA HIS C 95 -16.71 29.83 24.13
C HIS C 95 -18.16 29.78 24.61
N ASN C 96 -18.52 30.71 25.49
CA ASN C 96 -19.85 30.79 26.07
C ASN C 96 -20.30 29.49 26.72
N GLY C 97 -19.39 28.86 27.44
CA GLY C 97 -19.69 27.63 28.15
C GLY C 97 -19.91 26.43 27.24
N GLN C 98 -19.31 26.49 26.06
CA GLN C 98 -19.42 25.39 25.10
C GLN C 98 -18.06 25.10 24.47
N ALA C 99 -17.76 23.81 24.29
CA ALA C 99 -16.53 23.41 23.64
C ALA C 99 -16.75 23.25 22.13
N TYR C 100 -15.89 23.88 21.34
CA TYR C 100 -16.00 23.83 19.89
C TYR C 100 -14.83 23.10 19.24
N GLN C 101 -15.10 22.48 18.10
CA GLN C 101 -14.04 21.90 17.29
C GLN C 101 -13.20 23.03 16.70
N PHE C 102 -11.90 22.79 16.56
CA PHE C 102 -10.95 23.83 16.22
C PHE C 102 -9.78 23.23 15.44
N PRO C 103 -9.20 23.99 14.51
CA PRO C 103 -9.55 25.35 14.11
C PRO C 103 -10.64 25.41 13.04
N MET C 104 -10.42 26.22 12.01
CA MET C 104 -11.40 26.44 10.97
C MET C 104 -11.69 25.16 10.17
N GLY C 105 -12.96 24.74 10.19
CA GLY C 105 -13.40 23.55 9.50
C GLY C 105 -14.90 23.40 9.57
N LEU C 106 -15.42 22.30 9.02
CA LEU C 106 -16.85 22.07 8.99
C LEU C 106 -17.40 21.80 10.39
N GLY C 107 -16.53 21.34 11.28
CA GLY C 107 -16.93 21.09 12.66
C GLY C 107 -17.22 22.39 13.39
N LEU C 108 -16.31 23.34 13.25
CA LEU C 108 -16.47 24.65 13.88
C LEU C 108 -17.67 25.40 13.32
N VAL C 109 -17.84 25.33 12.01
CA VAL C 109 -18.92 26.04 11.33
C VAL C 109 -20.28 25.47 11.71
N SER C 110 -20.43 24.15 11.66
CA SER C 110 -21.71 23.51 11.94
C SER C 110 -22.18 23.73 13.38
N GLN C 111 -21.23 23.74 14.31
CA GLN C 111 -21.57 23.96 15.72
C GLN C 111 -21.99 25.42 15.97
N PHE C 112 -21.17 26.34 15.48
CA PHE C 112 -21.36 27.75 15.75
C PHE C 112 -22.62 28.32 15.09
N PHE C 113 -22.94 27.83 13.90
CA PHE C 113 -24.08 28.37 13.15
C PHE C 113 -25.33 27.51 13.27
N GLY C 114 -25.29 26.49 14.13
CA GLY C 114 -26.48 25.74 14.47
C GLY C 114 -26.84 24.56 13.58
N LYS C 115 -26.38 24.56 12.33
CA LYS C 115 -26.72 23.48 11.41
C LYS C 115 -25.53 23.04 10.57
N TYR C 116 -25.65 21.87 9.96
CA TYR C 116 -24.59 21.32 9.12
C TYR C 116 -24.47 22.05 7.78
N PHE C 117 -23.23 22.39 7.43
CA PHE C 117 -22.94 23.01 6.14
C PHE C 117 -22.04 22.12 5.29
N THR C 118 -22.46 21.87 4.06
CA THR C 118 -21.62 21.14 3.11
C THR C 118 -20.38 21.98 2.79
N PRO C 119 -19.30 21.33 2.34
CA PRO C 119 -18.09 22.07 1.94
C PRO C 119 -18.38 23.21 0.97
N GLU C 120 -19.35 23.02 0.10
CA GLU C 120 -19.72 24.05 -0.87
C GLU C 120 -20.45 25.21 -0.19
N GLN C 121 -21.43 24.87 0.65
CA GLN C 121 -22.18 25.86 1.41
C GLN C 121 -21.30 26.60 2.41
N ALA C 122 -20.27 25.91 2.93
CA ALA C 122 -19.37 26.52 3.90
C ALA C 122 -18.50 27.59 3.24
N ARG C 123 -17.99 27.30 2.05
CA ARG C 123 -17.18 28.27 1.32
C ARG C 123 -17.99 29.50 0.96
N GLN C 124 -19.28 29.32 0.74
CA GLN C 124 -20.16 30.43 0.39
C GLN C 124 -20.45 31.31 1.60
N LEU C 125 -20.78 30.68 2.72
CA LEU C 125 -21.10 31.39 3.95
C LEU C 125 -19.95 32.28 4.42
N ILE C 126 -18.74 31.73 4.37
CA ILE C 126 -17.55 32.48 4.79
C ILE C 126 -17.24 33.61 3.82
N ALA C 127 -17.40 33.34 2.52
CA ALA C 127 -17.13 34.34 1.49
C ALA C 127 -17.95 35.62 1.69
N GLU C 128 -19.20 35.44 2.12
CA GLU C 128 -20.08 36.57 2.38
C GLU C 128 -19.63 37.36 3.61
N GLN C 129 -19.18 36.64 4.64
CA GLN C 129 -18.77 37.26 5.89
C GLN C 129 -17.33 37.78 5.81
N ALA C 130 -16.64 37.42 4.73
CA ALA C 130 -15.25 37.85 4.53
C ALA C 130 -15.14 38.80 3.34
N ALA C 131 -16.27 39.36 2.92
CA ALA C 131 -16.32 40.19 1.74
C ALA C 131 -15.68 41.56 1.94
N GLU C 132 -15.55 41.98 3.19
CA GLU C 132 -15.07 43.33 3.50
C GLU C 132 -13.56 43.50 3.27
N ILE C 133 -12.87 42.41 2.95
CA ILE C 133 -11.44 42.48 2.70
C ILE C 133 -10.96 41.22 1.96
N ASP C 134 -10.05 41.41 1.00
CA ASP C 134 -9.45 40.29 0.28
C ASP C 134 -8.17 39.83 0.98
N THR C 135 -7.90 38.54 0.91
CA THR C 135 -6.75 37.95 1.61
C THR C 135 -5.42 38.47 1.05
N ALA C 136 -5.39 38.72 -0.25
CA ALA C 136 -4.18 39.23 -0.90
C ALA C 136 -3.86 40.65 -0.43
N ASP C 137 -4.88 41.36 0.03
CA ASP C 137 -4.71 42.73 0.49
C ASP C 137 -4.78 42.82 2.01
N ALA C 138 -4.31 41.78 2.69
CA ALA C 138 -4.32 41.74 4.14
C ALA C 138 -3.00 42.26 4.70
N GLN C 139 -3.09 43.26 5.58
CA GLN C 139 -1.91 43.90 6.14
C GLN C 139 -1.58 43.35 7.53
N ASN C 140 -2.61 43.24 8.36
CA ASN C 140 -2.44 42.85 9.75
C ASN C 140 -3.21 41.59 10.13
N LEU C 141 -3.19 41.27 11.43
CA LEU C 141 -3.84 40.06 11.94
C LEU C 141 -5.35 40.12 11.78
N GLU C 142 -5.94 41.27 12.14
CA GLU C 142 -7.38 41.42 12.10
C GLU C 142 -7.94 41.28 10.68
N GLU C 143 -7.29 41.94 9.73
CA GLU C 143 -7.76 41.90 8.35
C GLU C 143 -7.59 40.51 7.74
N LYS C 144 -6.43 39.90 7.99
CA LYS C 144 -6.14 38.57 7.46
C LYS C 144 -7.08 37.51 8.04
N ALA C 145 -7.38 37.63 9.34
CA ALA C 145 -8.25 36.68 10.01
C ALA C 145 -9.67 36.73 9.45
N ILE C 146 -10.21 37.94 9.35
CA ILE C 146 -11.56 38.13 8.82
C ILE C 146 -11.66 37.64 7.39
N SER C 147 -10.61 37.85 6.60
CA SER C 147 -10.60 37.44 5.20
C SER C 147 -10.40 35.94 5.04
N LEU C 148 -10.40 35.20 6.14
CA LEU C 148 -10.19 33.75 6.09
C LEU C 148 -11.33 32.98 6.77
N ILE C 149 -11.87 33.53 7.85
CA ILE C 149 -12.91 32.85 8.61
C ILE C 149 -14.16 33.70 8.79
N GLY C 150 -14.11 34.94 8.31
CA GLY C 150 -15.24 35.83 8.41
C GLY C 150 -15.30 36.57 9.74
N ARG C 151 -16.06 37.66 9.78
CA ARG C 151 -16.15 38.49 10.97
C ARG C 151 -16.83 37.81 12.18
N PRO C 152 -17.96 37.08 11.96
CA PRO C 152 -18.55 36.40 13.12
C PRO C 152 -17.59 35.44 13.83
N LEU C 153 -16.90 34.58 13.08
CA LEU C 153 -15.96 33.64 13.67
C LEU C 153 -14.74 34.36 14.24
N TYR C 154 -14.34 35.45 13.59
CA TYR C 154 -13.24 36.26 14.11
C TYR C 154 -13.61 36.89 15.45
N GLU C 155 -14.87 37.30 15.57
CA GLU C 155 -15.35 37.99 16.77
C GLU C 155 -15.38 37.08 17.99
N ALA C 156 -15.55 35.78 17.74
CA ALA C 156 -15.82 34.84 18.83
C ALA C 156 -14.58 34.05 19.25
N PHE C 157 -13.68 33.78 18.32
CA PHE C 157 -12.57 32.88 18.61
C PHE C 157 -11.18 33.49 18.44
N VAL C 158 -11.10 34.65 17.79
CA VAL C 158 -9.80 35.25 17.52
C VAL C 158 -9.57 36.54 18.32
N LYS C 159 -10.52 37.46 18.24
CA LYS C 159 -10.39 38.78 18.83
C LYS C 159 -10.13 38.74 20.34
N GLY C 160 -10.87 37.89 21.04
CA GLY C 160 -10.72 37.76 22.48
C GLY C 160 -9.44 37.07 22.89
N TYR C 161 -9.12 35.96 22.22
CA TYR C 161 -7.90 35.22 22.49
C TYR C 161 -6.66 36.06 22.22
N THR C 162 -6.67 36.77 21.10
CA THR C 162 -5.55 37.61 20.71
C THR C 162 -5.33 38.73 21.73
N ALA C 163 -6.43 39.24 22.29
CA ALA C 163 -6.37 40.29 23.29
C ALA C 163 -5.61 39.84 24.55
N LYS C 164 -5.86 38.61 24.98
CA LYS C 164 -5.22 38.09 26.19
C LYS C 164 -3.77 37.72 25.93
N GLN C 165 -3.49 37.23 24.73
CA GLN C 165 -2.17 36.73 24.38
C GLN C 165 -1.17 37.84 24.05
N TRP C 166 -1.63 38.86 23.32
CA TRP C 166 -0.72 39.90 22.84
C TRP C 166 -0.93 41.25 23.52
N GLN C 167 -2.15 41.51 23.97
CA GLN C 167 -2.50 42.80 24.57
C GLN C 167 -2.11 43.97 23.69
N THR C 168 -2.21 43.76 22.38
CA THR C 168 -1.91 44.81 21.41
C THR C 168 -3.02 44.84 20.37
N ASP C 169 -3.31 46.02 19.84
CA ASP C 169 -4.35 46.19 18.85
C ASP C 169 -4.13 45.27 17.65
N PRO C 170 -5.13 44.43 17.33
CA PRO C 170 -5.08 43.46 16.23
C PRO C 170 -4.70 44.07 14.88
N LYS C 171 -4.84 45.39 14.75
CA LYS C 171 -4.44 46.07 13.52
C LYS C 171 -2.93 46.31 13.48
N GLU C 172 -2.28 46.18 14.64
CA GLU C 172 -0.85 46.43 14.75
C GLU C 172 -0.04 45.13 14.60
N LEU C 173 -0.70 44.00 14.84
CA LEU C 173 -0.03 42.70 14.82
C LEU C 173 0.16 42.19 13.40
N PRO C 174 1.26 41.44 13.16
CA PRO C 174 1.54 40.84 11.85
C PRO C 174 0.47 39.85 11.42
N ALA C 175 0.25 39.74 10.11
CA ALA C 175 -0.75 38.83 9.57
C ALA C 175 -0.26 37.39 9.62
N ALA C 176 1.05 37.21 9.73
CA ALA C 176 1.65 35.88 9.73
C ALA C 176 1.33 35.10 11.01
N ASN C 177 0.88 35.82 12.03
CA ASN C 177 0.54 35.20 13.31
C ASN C 177 -0.70 34.31 13.22
N ILE C 178 -1.70 34.77 12.47
CA ILE C 178 -2.96 34.04 12.36
C ILE C 178 -2.88 32.98 11.26
N THR C 179 -1.90 33.09 10.38
CA THR C 179 -1.74 32.13 9.29
C THR C 179 -1.00 30.88 9.76
N ARG C 180 -0.66 30.84 11.04
CA ARG C 180 -0.07 29.65 11.63
C ARG C 180 -1.13 28.56 11.75
N LEU C 181 -2.38 28.99 11.92
CA LEU C 181 -3.50 28.06 12.01
C LEU C 181 -4.03 27.72 10.62
N PRO C 182 -4.28 26.43 10.36
CA PRO C 182 -4.80 25.99 9.06
C PRO C 182 -6.25 26.37 8.85
N VAL C 183 -6.61 26.71 7.61
CA VAL C 183 -7.99 27.02 7.27
C VAL C 183 -8.54 25.95 6.33
N ARG C 184 -9.42 25.12 6.84
CA ARG C 184 -9.94 23.99 6.06
C ARG C 184 -11.45 24.09 5.85
N TYR C 185 -11.94 23.33 4.87
CA TYR C 185 -13.37 23.19 4.66
C TYR C 185 -13.74 21.72 4.69
N THR C 186 -13.09 20.99 5.57
CA THR C 186 -13.38 19.58 5.82
C THR C 186 -13.60 19.39 7.32
N PHE C 187 -13.77 18.14 7.75
CA PHE C 187 -13.95 17.85 9.18
C PHE C 187 -12.63 17.51 9.85
N ASP C 188 -11.52 17.72 9.15
CA ASP C 188 -10.19 17.49 9.71
C ASP C 188 -9.82 18.57 10.72
N ASN C 189 -9.65 18.19 11.97
CA ASN C 189 -9.35 19.16 13.02
C ASN C 189 -7.95 19.03 13.61
N ARG C 190 -6.99 18.61 12.77
CA ARG C 190 -5.60 18.59 13.18
C ARG C 190 -5.07 20.02 13.23
N TYR C 191 -4.44 20.37 14.35
CA TYR C 191 -4.01 21.74 14.58
C TYR C 191 -2.82 22.12 13.70
N PHE C 192 -2.11 21.12 13.20
CA PHE C 192 -0.99 21.34 12.30
C PHE C 192 -1.24 20.69 10.95
N SER C 193 -0.56 21.17 9.92
CA SER C 193 -0.72 20.63 8.58
C SER C 193 0.63 20.29 7.97
N ASP C 194 1.44 19.54 8.72
CA ASP C 194 2.76 19.13 8.25
C ASP C 194 2.80 17.63 7.97
N THR C 195 3.73 17.22 7.13
CA THR C 195 3.87 15.82 6.74
C THR C 195 4.19 14.93 7.93
N TYR C 196 5.12 15.38 8.77
CA TYR C 196 5.56 14.59 9.91
C TYR C 196 5.21 15.27 11.22
N GLU C 197 4.86 14.47 12.23
CA GLU C 197 4.41 14.99 13.50
C GLU C 197 4.48 13.92 14.59
N GLY C 198 4.89 14.32 15.79
CA GLY C 198 4.91 13.39 16.91
C GLY C 198 5.61 13.94 18.14
N LEU C 199 5.50 13.21 19.23
CA LEU C 199 6.17 13.55 20.47
C LEU C 199 7.34 12.60 20.71
N PRO C 200 8.42 13.10 21.33
CA PRO C 200 9.55 12.24 21.69
C PRO C 200 9.11 11.13 22.64
N THR C 201 9.38 9.89 22.26
CA THR C 201 8.91 8.72 23.02
C THR C 201 9.38 8.73 24.46
N ASP C 202 10.64 9.11 24.67
CA ASP C 202 11.23 9.07 26.01
C ASP C 202 11.37 10.47 26.60
N GLY C 203 10.53 11.39 26.13
CA GLY C 203 10.53 12.74 26.64
C GLY C 203 11.50 13.66 25.93
N TYR C 204 11.41 14.96 26.22
CA TYR C 204 12.23 15.95 25.55
C TYR C 204 13.66 16.02 26.08
N THR C 205 13.81 15.89 27.40
CA THR C 205 15.14 15.99 28.01
C THR C 205 16.06 14.90 27.52
N ALA C 206 15.53 13.69 27.34
CA ALA C 206 16.30 12.57 26.81
C ALA C 206 16.77 12.86 25.39
N TRP C 207 15.89 13.48 24.61
CA TRP C 207 16.21 13.90 23.24
C TRP C 207 17.35 14.92 23.26
N LEU C 208 17.20 15.95 24.10
CA LEU C 208 18.19 17.02 24.16
C LEU C 208 19.54 16.52 24.68
N GLN C 209 19.50 15.57 25.62
CA GLN C 209 20.73 15.02 26.17
C GLN C 209 21.49 14.19 25.14
N ASN C 210 20.76 13.57 24.22
CA ASN C 210 21.40 12.77 23.18
C ASN C 210 22.10 13.63 22.15
N MET C 211 21.65 14.87 22.01
CA MET C 211 22.27 15.79 21.06
C MET C 211 23.55 16.39 21.63
N ALA C 212 23.55 16.64 22.93
CA ALA C 212 24.73 17.20 23.60
C ALA C 212 25.55 16.11 24.28
N ALA C 213 25.48 14.89 23.75
CA ALA C 213 26.11 13.75 24.39
C ALA C 213 27.56 13.55 23.95
N ASP C 214 27.92 14.12 22.80
CA ASP C 214 29.25 13.91 22.23
C ASP C 214 30.34 14.44 23.16
N HIS C 215 31.45 13.70 23.24
CA HIS C 215 32.52 14.02 24.18
C HIS C 215 33.28 15.30 23.80
N ARG C 216 33.08 15.77 22.57
CA ARG C 216 33.71 17.00 22.11
C ARG C 216 32.86 18.22 22.44
N ILE C 217 31.71 17.98 23.07
CA ILE C 217 30.81 19.04 23.49
C ILE C 217 30.80 19.18 25.01
N GLU C 218 31.16 20.36 25.49
CA GLU C 218 31.09 20.64 26.92
C GLU C 218 30.01 21.66 27.21
N VAL C 219 29.12 21.33 28.15
CA VAL C 219 28.04 22.22 28.52
C VAL C 219 28.21 22.71 29.95
N ARG C 220 28.30 24.03 30.11
CA ARG C 220 28.37 24.64 31.44
C ARG C 220 27.04 25.26 31.81
N LEU C 221 26.35 24.66 32.78
CA LEU C 221 25.07 25.17 33.23
C LEU C 221 25.24 26.31 34.22
N ASN C 222 24.16 27.07 34.43
CA ASN C 222 24.16 28.20 35.35
C ASN C 222 25.28 29.20 35.07
N THR C 223 25.57 29.40 33.80
CA THR C 223 26.65 30.28 33.39
C THR C 223 26.19 31.29 32.34
N ASP C 224 26.26 32.57 32.68
CA ASP C 224 25.88 33.61 31.74
C ASP C 224 27.09 34.00 30.89
N TRP C 225 26.86 34.16 29.59
CA TRP C 225 27.93 34.46 28.64
C TRP C 225 28.55 35.83 28.86
N PHE C 226 27.73 36.78 29.31
CA PHE C 226 28.20 38.15 29.50
C PHE C 226 29.04 38.31 30.77
N ASP C 227 29.24 37.22 31.48
CA ASP C 227 30.04 37.24 32.70
C ASP C 227 31.39 36.55 32.52
N VAL C 228 31.42 35.51 31.69
CA VAL C 228 32.61 34.66 31.57
C VAL C 228 33.31 34.77 30.22
N ARG C 229 32.79 35.60 29.33
CA ARG C 229 33.38 35.73 28.00
C ARG C 229 34.71 36.48 28.05
N GLY C 230 34.99 37.12 29.18
CA GLY C 230 36.23 37.85 29.36
C GLY C 230 37.43 36.94 29.45
N GLN C 231 37.25 35.77 30.06
CA GLN C 231 38.35 34.83 30.26
C GLN C 231 38.37 33.74 29.19
N LEU C 232 37.22 33.49 28.57
CA LEU C 232 37.09 32.40 27.61
C LEU C 232 37.71 32.71 26.26
N ARG C 233 37.27 33.81 25.64
CA ARG C 233 37.70 34.17 24.29
C ARG C 233 39.22 34.33 24.11
N PRO C 234 39.94 34.89 25.10
CA PRO C 234 41.39 34.90 24.93
C PRO C 234 41.99 33.49 24.94
N GLY C 235 41.30 32.54 25.55
CA GLY C 235 41.75 31.15 25.55
C GLY C 235 41.59 30.51 24.18
N SER C 236 40.59 30.97 23.44
CA SER C 236 40.36 30.50 22.06
C SER C 236 40.10 31.68 21.14
N PRO C 237 41.17 32.36 20.71
CA PRO C 237 41.11 33.62 19.95
C PRO C 237 40.34 33.51 18.63
N ALA C 238 40.60 32.47 17.85
CA ALA C 238 40.00 32.34 16.53
C ALA C 238 38.60 31.73 16.55
N ALA C 239 38.18 31.26 17.72
CA ALA C 239 36.87 30.61 17.86
C ALA C 239 35.71 31.59 17.75
N PRO C 240 34.84 31.38 16.76
CA PRO C 240 33.63 32.19 16.57
C PRO C 240 32.64 31.97 17.70
N VAL C 241 31.62 32.84 17.78
CA VAL C 241 30.61 32.73 18.82
C VAL C 241 29.21 32.74 18.22
N VAL C 242 28.43 31.71 18.52
CA VAL C 242 27.04 31.65 18.08
C VAL C 242 26.12 32.05 19.23
N TYR C 243 25.55 33.24 19.13
CA TYR C 243 24.67 33.76 20.18
C TYR C 243 23.20 33.50 19.85
N THR C 244 22.47 32.99 20.84
CA THR C 244 21.06 32.66 20.64
C THR C 244 20.15 33.25 21.72
N GLY C 245 20.69 34.20 22.49
CA GLY C 245 19.90 34.89 23.50
C GLY C 245 19.14 36.05 22.88
N PRO C 246 18.50 36.88 23.72
CA PRO C 246 17.78 38.06 23.23
C PRO C 246 18.69 39.01 22.46
N LEU C 247 18.26 39.41 21.25
CA LEU C 247 19.08 40.23 20.37
C LEU C 247 19.37 41.61 20.95
N ASP C 248 18.35 42.23 21.53
CA ASP C 248 18.50 43.56 22.11
C ASP C 248 19.37 43.53 23.37
N ARG C 249 19.31 42.42 24.10
CA ARG C 249 20.11 42.26 25.32
C ARG C 249 21.60 42.31 25.02
N TYR C 250 21.99 41.74 23.88
CA TYR C 250 23.40 41.65 23.50
C TYR C 250 24.03 43.03 23.38
N PHE C 251 23.23 44.02 23.00
CA PHE C 251 23.73 45.39 22.87
C PHE C 251 23.24 46.28 24.01
N ASP C 252 22.85 45.63 25.11
CA ASP C 252 22.43 46.33 26.33
C ASP C 252 21.29 47.31 26.11
N TYR C 253 20.36 46.94 25.24
CA TYR C 253 19.19 47.77 24.93
C TYR C 253 19.58 49.19 24.51
N ALA C 254 20.69 49.32 23.80
CA ALA C 254 21.23 50.62 23.45
C ALA C 254 20.29 51.43 22.56
N GLU C 255 19.70 50.78 21.56
CA GLU C 255 18.79 51.46 20.65
C GLU C 255 17.33 51.35 21.09
N GLY C 256 17.12 50.80 22.28
CA GLY C 256 15.77 50.64 22.79
C GLY C 256 15.39 49.18 22.98
N ARG C 257 14.28 48.96 23.66
CA ARG C 257 13.81 47.61 23.95
C ARG C 257 12.80 47.12 22.93
N LEU C 258 13.07 45.94 22.38
CA LEU C 258 12.10 45.28 21.51
C LEU C 258 10.93 44.78 22.34
N GLY C 259 9.74 44.79 21.76
CA GLY C 259 8.55 44.34 22.47
C GLY C 259 8.44 42.83 22.51
N TRP C 260 8.44 42.27 23.72
CA TRP C 260 8.31 40.82 23.88
C TRP C 260 7.06 40.48 24.71
N ARG C 261 6.61 39.24 24.57
CA ARG C 261 5.58 38.69 25.44
C ARG C 261 6.18 37.54 26.26
N THR C 262 5.79 37.46 27.53
CA THR C 262 6.28 36.40 28.39
C THR C 262 5.11 35.61 28.99
N LEU C 263 5.40 34.46 29.58
CA LEU C 263 4.34 33.59 30.07
C LEU C 263 4.53 33.14 31.52
N ASP C 264 3.41 33.02 32.24
CA ASP C 264 3.40 32.47 33.59
C ASP C 264 2.51 31.22 33.62
N PHE C 265 2.98 30.17 34.26
CA PHE C 265 2.24 28.91 34.31
C PHE C 265 1.84 28.52 35.71
N GLU C 266 0.58 28.12 35.87
CA GLU C 266 0.10 27.57 37.13
C GLU C 266 -0.07 26.05 37.02
N VAL C 267 0.86 25.31 37.62
CA VAL C 267 0.81 23.86 37.60
C VAL C 267 0.11 23.33 38.85
N GLU C 268 -0.90 22.48 38.65
CA GLU C 268 -1.67 21.93 39.76
C GLU C 268 -2.00 20.46 39.57
N VAL C 269 -1.80 19.68 40.63
CA VAL C 269 -2.19 18.28 40.61
C VAL C 269 -3.57 18.10 41.24
N LEU C 270 -4.49 17.50 40.48
CA LEU C 270 -5.86 17.33 40.93
C LEU C 270 -6.13 15.91 41.39
N PRO C 271 -7.02 15.75 42.38
CA PRO C 271 -7.39 14.43 42.91
C PRO C 271 -8.38 13.67 42.01
N ILE C 272 -8.47 14.05 40.75
CA ILE C 272 -9.33 13.36 39.79
C ILE C 272 -8.51 12.78 38.65
N GLY C 273 -9.10 11.86 37.89
CA GLY C 273 -8.38 11.18 36.84
C GLY C 273 -8.32 11.95 35.53
N ASP C 274 -9.30 12.82 35.32
CA ASP C 274 -9.39 13.58 34.08
C ASP C 274 -10.07 14.92 34.30
N PHE C 275 -9.41 15.99 33.87
CA PHE C 275 -9.92 17.33 34.11
C PHE C 275 -10.76 17.86 32.95
N GLN C 276 -10.23 17.78 31.73
CA GLN C 276 -10.94 18.31 30.57
C GLN C 276 -11.09 17.30 29.43
N GLY C 277 -10.43 16.15 29.57
CA GLY C 277 -10.57 15.07 28.61
C GLY C 277 -9.81 15.26 27.31
N THR C 278 -8.91 16.23 27.28
CA THR C 278 -8.11 16.49 26.09
C THR C 278 -6.81 17.21 26.46
N ALA C 279 -5.84 17.18 25.55
CA ALA C 279 -4.52 17.72 25.82
C ALA C 279 -4.53 19.23 26.03
N VAL C 280 -5.06 19.96 25.07
CA VAL C 280 -5.07 21.42 25.14
C VAL C 280 -6.48 21.99 24.95
N MET C 281 -6.89 22.85 25.87
CA MET C 281 -8.18 23.52 25.77
C MET C 281 -7.99 25.03 25.73
N ASN C 282 -8.28 25.64 24.58
CA ASN C 282 -8.19 27.09 24.45
C ASN C 282 -9.41 27.79 25.07
N TYR C 283 -9.15 28.89 25.77
CA TYR C 283 -10.22 29.70 26.34
C TYR C 283 -10.29 31.05 25.65
N ASN C 284 -11.25 31.20 24.75
CA ASN C 284 -11.32 32.38 23.88
C ASN C 284 -12.11 33.54 24.47
N ASP C 285 -12.65 33.37 25.67
CA ASP C 285 -13.45 34.42 26.30
C ASP C 285 -12.62 35.29 27.23
N LEU C 286 -13.11 36.50 27.50
CA LEU C 286 -12.37 37.47 28.32
C LEU C 286 -12.74 37.40 29.80
N ASP C 287 -13.77 36.63 30.14
CA ASP C 287 -14.16 36.47 31.53
C ASP C 287 -13.24 35.46 32.22
N VAL C 288 -12.19 35.05 31.52
CA VAL C 288 -11.21 34.11 32.03
C VAL C 288 -9.81 34.64 31.75
N PRO C 289 -8.97 34.76 32.79
CA PRO C 289 -7.65 35.38 32.69
C PRO C 289 -6.63 34.59 31.87
N TYR C 290 -6.72 33.27 31.88
CA TYR C 290 -5.75 32.44 31.18
C TYR C 290 -6.14 32.18 29.73
N THR C 291 -5.14 31.90 28.88
CA THR C 291 -5.38 31.66 27.46
C THR C 291 -5.77 30.22 27.15
N ARG C 292 -5.14 29.28 27.86
CA ARG C 292 -5.42 27.87 27.64
C ARG C 292 -5.00 27.01 28.82
N ILE C 293 -5.51 25.78 28.85
CA ILE C 293 -5.17 24.82 29.89
C ILE C 293 -4.62 23.54 29.27
N HIS C 294 -3.48 23.08 29.77
CA HIS C 294 -2.89 21.83 29.31
C HIS C 294 -3.20 20.70 30.29
N GLU C 295 -3.53 19.53 29.77
CA GLU C 295 -3.61 18.33 30.61
C GLU C 295 -2.66 17.29 30.06
N PHE C 296 -1.51 17.14 30.72
CA PHE C 296 -0.36 16.45 30.15
C PHE C 296 -0.49 14.93 30.01
N ARG C 297 -1.47 14.34 30.68
CA ARG C 297 -1.66 12.89 30.58
C ARG C 297 -2.13 12.50 29.18
N HIS C 298 -2.73 13.45 28.47
CA HIS C 298 -3.30 13.18 27.15
C HIS C 298 -2.28 13.31 26.02
N PHE C 299 -1.09 13.84 26.34
CA PHE C 299 -0.01 13.94 25.36
C PHE C 299 0.58 12.57 25.07
N HIS C 300 0.63 11.72 26.09
CA HIS C 300 1.17 10.38 25.95
C HIS C 300 0.17 9.30 26.36
N PRO C 301 -0.84 9.04 25.52
CA PRO C 301 -1.86 8.03 25.82
C PRO C 301 -1.30 6.61 25.82
N GLU C 302 -0.18 6.41 25.13
CA GLU C 302 0.42 5.07 25.04
C GLU C 302 0.99 4.64 26.39
N ARG C 303 1.34 5.60 27.22
CA ARG C 303 1.77 5.30 28.59
C ARG C 303 0.54 5.16 29.47
N ASP C 304 0.62 4.28 30.47
CA ASP C 304 -0.49 4.10 31.40
C ASP C 304 -0.18 4.74 32.74
N TYR C 305 -0.68 5.96 32.93
CA TYR C 305 -0.52 6.67 34.20
C TYR C 305 -1.63 6.28 35.17
N ARG C 306 -1.46 6.65 36.43
CA ARG C 306 -2.48 6.42 37.45
C ARG C 306 -3.75 7.17 37.09
N THR C 307 -4.89 6.67 37.57
CA THR C 307 -6.19 7.19 37.15
C THR C 307 -6.94 7.91 38.26
N ASP C 308 -6.23 8.23 39.35
CA ASP C 308 -6.86 8.94 40.46
C ASP C 308 -6.27 10.34 40.62
N LYS C 309 -5.24 10.64 39.85
CA LYS C 309 -4.63 11.98 39.86
C LYS C 309 -4.33 12.46 38.45
N THR C 310 -4.25 13.77 38.28
CA THR C 310 -3.93 14.35 36.98
C THR C 310 -3.19 15.68 37.14
N VAL C 311 -2.37 16.03 36.16
CA VAL C 311 -1.62 17.28 36.19
C VAL C 311 -2.11 18.24 35.11
N ILE C 312 -2.52 19.43 35.54
CA ILE C 312 -2.92 20.46 34.59
C ILE C 312 -2.05 21.70 34.73
N MET C 313 -2.10 22.56 33.72
CA MET C 313 -1.30 23.78 33.72
C MET C 313 -2.05 24.91 33.02
N ARG C 314 -2.33 25.97 33.77
CA ARG C 314 -2.97 27.15 33.21
C ARG C 314 -1.90 28.11 32.70
N GLU C 315 -2.15 28.71 31.53
CA GLU C 315 -1.17 29.58 30.89
C GLU C 315 -1.62 31.04 30.88
N TYR C 316 -0.78 31.91 31.44
CA TYR C 316 -1.07 33.33 31.50
C TYR C 316 -0.04 34.13 30.69
N SER C 317 -0.49 35.21 30.06
CA SER C 317 0.37 35.98 29.18
C SER C 317 0.49 37.44 29.61
N ARG C 318 1.70 37.99 29.51
CA ARG C 318 1.94 39.39 29.85
C ARG C 318 3.20 39.92 29.17
N PHE C 319 3.41 41.23 29.24
CA PHE C 319 4.59 41.85 28.66
C PHE C 319 5.86 41.48 29.41
N ALA C 320 6.92 41.18 28.67
CA ALA C 320 8.20 40.82 29.26
C ALA C 320 8.92 42.04 29.82
N GLU C 321 9.24 41.99 31.10
CA GLU C 321 9.92 43.10 31.75
C GLU C 321 11.42 43.10 31.44
N ASP C 322 12.20 43.71 32.33
CA ASP C 322 13.64 43.86 32.12
C ASP C 322 14.38 42.52 32.21
N ASP C 323 14.26 41.85 33.35
CA ASP C 323 14.99 40.60 33.57
C ASP C 323 14.16 39.38 33.20
N ASP C 324 12.91 39.61 32.80
CA ASP C 324 12.02 38.52 32.39
C ASP C 324 12.50 37.85 31.11
N GLU C 325 12.40 36.53 31.07
CA GLU C 325 12.75 35.77 29.89
C GLU C 325 11.66 35.90 28.83
N PRO C 326 12.04 36.35 27.62
CA PRO C 326 11.10 36.57 26.52
C PRO C 326 10.67 35.27 25.83
N TYR C 327 9.41 35.22 25.42
CA TYR C 327 8.86 34.03 24.77
C TYR C 327 8.43 34.34 23.33
N TYR C 328 7.62 35.38 23.18
CA TYR C 328 7.09 35.77 21.88
C TYR C 328 7.57 37.15 21.46
N PRO C 329 7.95 37.29 20.19
CA PRO C 329 8.24 38.61 19.60
C PRO C 329 6.96 39.24 19.05
N ILE C 330 6.63 40.45 19.51
CA ILE C 330 5.40 41.11 19.10
C ILE C 330 5.44 41.55 17.65
N ASN C 331 6.57 42.11 17.24
CA ASN C 331 6.82 42.54 15.86
C ASN C 331 5.81 43.55 15.32
N THR C 332 5.61 44.64 16.05
CA THR C 332 4.83 45.76 15.53
C THR C 332 5.64 46.49 14.46
N GLU C 333 5.01 47.42 13.77
CA GLU C 333 5.70 48.20 12.74
C GLU C 333 6.87 48.97 13.35
N ALA C 334 6.71 49.37 14.62
CA ALA C 334 7.78 50.04 15.35
C ALA C 334 8.88 49.05 15.73
N ASP C 335 8.48 47.85 16.13
CA ASP C 335 9.44 46.81 16.50
C ASP C 335 10.28 46.37 15.30
N ARG C 336 9.63 46.24 14.15
CA ARG C 336 10.32 45.85 12.92
C ARG C 336 11.34 46.91 12.49
N ALA C 337 11.05 48.18 12.82
CA ALA C 337 11.97 49.26 12.52
C ALA C 337 13.19 49.18 13.42
N LEU C 338 12.96 48.97 14.71
CA LEU C 338 14.04 48.82 15.68
C LEU C 338 14.87 47.57 15.38
N LEU C 339 14.20 46.53 14.89
CA LEU C 339 14.87 45.29 14.54
C LEU C 339 15.89 45.51 13.43
N ALA C 340 15.51 46.30 12.43
CA ALA C 340 16.39 46.61 11.30
C ALA C 340 17.68 47.28 11.76
N THR C 341 17.57 48.10 12.81
CA THR C 341 18.74 48.75 13.38
C THR C 341 19.65 47.72 14.04
N TYR C 342 19.06 46.80 14.79
CA TYR C 342 19.82 45.78 15.49
C TYR C 342 20.44 44.77 14.54
N ARG C 343 19.80 44.53 13.40
CA ARG C 343 20.37 43.66 12.37
C ARG C 343 21.64 44.29 11.81
N ALA C 344 21.65 45.62 11.72
CA ALA C 344 22.81 46.34 11.23
C ALA C 344 23.96 46.27 12.23
N ARG C 345 23.63 46.39 13.51
CA ARG C 345 24.62 46.28 14.58
C ARG C 345 25.15 44.84 14.64
N ALA C 346 24.32 43.89 14.23
CA ALA C 346 24.69 42.48 14.27
C ALA C 346 25.68 42.12 13.16
N LYS C 347 25.44 42.64 11.97
CA LYS C 347 26.32 42.38 10.82
C LYS C 347 27.70 42.97 11.07
N SER C 348 27.75 44.02 11.87
CA SER C 348 29.02 44.64 12.26
C SER C 348 29.76 43.79 13.28
N GLU C 349 29.01 43.23 14.24
CA GLU C 349 29.59 42.38 15.26
C GLU C 349 30.13 41.09 14.65
N THR C 350 29.48 40.62 13.60
CA THR C 350 29.96 39.45 12.87
C THR C 350 31.29 39.77 12.20
N ALA C 351 31.44 41.01 11.75
CA ALA C 351 32.61 41.43 10.99
C ALA C 351 33.85 41.66 11.84
N SER C 352 33.64 42.04 13.10
CA SER C 352 34.76 42.45 13.96
C SER C 352 34.99 41.51 15.15
N SER C 353 34.00 40.69 15.48
CA SER C 353 34.10 39.85 16.67
C SER C 353 33.77 38.38 16.38
N LYS C 354 33.48 38.07 15.12
CA LYS C 354 33.13 36.71 14.69
C LYS C 354 31.94 36.18 15.47
N VAL C 355 30.94 37.03 15.71
CA VAL C 355 29.77 36.65 16.48
C VAL C 355 28.53 36.53 15.59
N LEU C 356 27.98 35.33 15.53
CA LEU C 356 26.78 35.08 14.72
C LEU C 356 25.52 35.15 15.58
N PHE C 357 24.39 35.41 14.94
CA PHE C 357 23.11 35.49 15.64
C PHE C 357 22.09 34.56 15.00
N GLY C 358 21.46 33.73 15.81
CA GLY C 358 20.47 32.78 15.33
C GLY C 358 19.51 32.35 16.41
N GLY C 359 18.43 31.70 16.01
CA GLY C 359 17.44 31.21 16.95
C GLY C 359 16.25 32.14 17.11
N ARG C 360 15.30 31.72 17.94
CA ARG C 360 14.08 32.48 18.18
C ARG C 360 14.36 33.83 18.82
N LEU C 361 15.25 33.85 19.80
CA LEU C 361 15.57 35.07 20.54
C LEU C 361 16.63 35.90 19.84
N GLY C 362 17.55 35.23 19.16
CA GLY C 362 18.67 35.90 18.52
C GLY C 362 18.32 36.62 17.24
N THR C 363 17.11 36.37 16.73
CA THR C 363 16.69 36.97 15.46
C THR C 363 15.32 37.64 15.54
N TYR C 364 14.75 37.66 16.75
CA TYR C 364 13.44 38.28 16.99
C TYR C 364 12.40 37.68 16.04
N GLN C 365 12.38 36.36 15.96
CA GLN C 365 11.49 35.66 15.03
C GLN C 365 10.53 34.71 15.74
N TYR C 366 9.33 34.56 15.17
CA TYR C 366 8.34 33.64 15.70
C TYR C 366 8.63 32.23 15.17
N LEU C 367 9.67 31.61 15.70
CA LEU C 367 10.15 30.32 15.20
C LEU C 367 9.60 29.12 15.98
N ASP C 368 9.32 28.04 15.26
CA ASP C 368 8.99 26.77 15.88
C ASP C 368 10.25 25.91 15.98
N MET C 369 10.13 24.75 16.61
CA MET C 369 11.29 23.88 16.83
C MET C 369 11.92 23.43 15.53
N HIS C 370 11.10 23.03 14.55
CA HIS C 370 11.62 22.54 13.28
C HIS C 370 12.23 23.64 12.45
N MET C 371 11.66 24.84 12.53
CA MET C 371 12.20 25.98 11.79
C MET C 371 13.50 26.46 12.42
N ALA C 372 13.64 26.25 13.73
CA ALA C 372 14.86 26.60 14.43
C ALA C 372 16.00 25.64 14.05
N ILE C 373 15.66 24.36 13.95
CA ILE C 373 16.64 23.34 13.59
C ILE C 373 17.10 23.49 12.13
N ALA C 374 16.14 23.71 11.24
CA ALA C 374 16.44 23.94 9.83
C ALA C 374 17.30 25.19 9.65
N SER C 375 17.01 26.20 10.47
CA SER C 375 17.78 27.45 10.44
C SER C 375 19.22 27.21 10.87
N ALA C 376 19.42 26.34 11.85
CA ALA C 376 20.75 26.02 12.33
C ALA C 376 21.52 25.24 11.29
N LEU C 377 20.82 24.34 10.59
CA LEU C 377 21.44 23.53 9.55
C LEU C 377 21.91 24.42 8.38
N ASN C 378 21.12 25.45 8.07
CA ASN C 378 21.49 26.37 7.00
C ASN C 378 22.70 27.21 7.37
N MET C 379 22.75 27.67 8.63
CA MET C 379 23.89 28.43 9.12
C MET C 379 25.15 27.58 9.13
N TYR C 380 24.99 26.29 9.43
CA TYR C 380 26.13 25.38 9.41
C TYR C 380 26.65 25.18 7.99
N ASP C 381 25.76 24.77 7.09
CA ASP C 381 26.14 24.45 5.72
C ASP C 381 26.71 25.63 4.94
N ASN C 382 26.30 26.84 5.29
CA ASN C 382 26.65 28.02 4.49
C ASN C 382 27.62 28.98 5.17
N VAL C 383 27.61 29.02 6.49
CA VAL C 383 28.43 29.99 7.21
C VAL C 383 29.52 29.34 8.06
N LEU C 384 29.12 28.48 9.00
CA LEU C 384 30.07 27.92 9.96
C LEU C 384 31.03 26.90 9.36
N ALA C 385 30.51 25.94 8.61
CA ALA C 385 31.36 24.90 8.02
C ALA C 385 32.41 25.45 7.04
N PRO C 386 32.04 26.39 6.15
CA PRO C 386 33.10 26.90 5.28
C PRO C 386 34.17 27.69 6.02
N HIS C 387 33.84 28.23 7.19
CA HIS C 387 34.78 29.03 7.96
C HIS C 387 35.74 28.17 8.77
N LEU C 388 35.20 27.30 9.60
CA LEU C 388 36.00 26.47 10.51
C LEU C 388 36.82 25.42 9.77
N ARG C 389 36.49 25.19 8.51
CA ARG C 389 37.13 24.12 7.73
C ARG C 389 37.94 24.66 6.57
N ASP C 390 37.48 25.75 5.97
CA ASP C 390 38.11 26.27 4.75
C ASP C 390 38.53 27.74 4.85
N GLY C 391 38.41 28.31 6.05
CA GLY C 391 38.89 29.65 6.31
C GLY C 391 38.11 30.76 5.62
N VAL C 392 36.92 30.45 5.15
CA VAL C 392 36.05 31.44 4.52
C VAL C 392 35.51 32.42 5.56
N PRO C 393 35.56 33.73 5.25
CA PRO C 393 34.98 34.76 6.12
C PRO C 393 33.49 34.53 6.41
N LEU C 394 33.01 35.11 7.50
CA LEU C 394 31.65 34.82 7.99
C LEU C 394 30.55 35.63 7.31
N LEU C 395 30.92 36.67 6.57
CA LEU C 395 29.94 37.55 5.97
C LEU C 395 29.76 37.28 4.47
N GLN C 396 28.57 37.59 3.97
CA GLN C 396 28.24 37.38 2.56
C GLN C 396 28.56 38.61 1.72
PA FAD D . -15.72 -13.35 2.84
O1A FAD D . -14.42 -12.59 2.56
O2A FAD D . -17.10 -12.73 2.38
O5B FAD D . -15.15 -14.61 2.01
C5B FAD D . -16.05 -15.50 1.48
C4B FAD D . -15.98 -15.79 -0.04
O4B FAD D . -16.37 -17.10 -0.37
C3B FAD D . -16.86 -14.87 -0.83
O3B FAD D . -16.12 -13.93 -1.52
C2B FAD D . -17.51 -15.65 -1.78
O2B FAD D . -17.33 -15.21 -3.14
C1B FAD D . -16.87 -17.05 -1.66
N9A FAD D . -17.82 -18.11 -1.79
C8A FAD D . -18.89 -18.30 -1.02
N7A FAD D . -19.55 -19.39 -1.44
C5A FAD D . -18.88 -19.91 -2.47
C6A FAD D . -19.08 -21.01 -3.29
N6A FAD D . -20.16 -21.83 -3.08
N1A FAD D . -18.21 -21.28 -4.27
C2A FAD D . -17.14 -20.47 -4.47
N3A FAD D . -16.92 -19.39 -3.71
C4A FAD D . -17.77 -19.09 -2.70
N1 FAD D . -13.67 -5.68 8.80
C2 FAD D . -12.62 -4.83 9.32
O2 FAD D . -11.70 -5.33 9.94
N3 FAD D . -12.66 -3.42 9.12
C4 FAD D . -13.73 -2.84 8.40
O4 FAD D . -13.77 -1.64 8.22
C4X FAD D . -14.80 -3.70 7.87
N5 FAD D . -15.83 -3.16 7.18
C5X FAD D . -16.81 -3.95 6.69
C6 FAD D . -17.85 -3.35 5.98
C7 FAD D . -18.88 -4.12 5.47
C7M FAD D . -20.05 -3.42 4.67
C8 FAD D . -18.86 -5.48 5.64
C8M FAD D . -19.96 -6.33 5.10
C9 FAD D . -17.82 -6.08 6.35
C9A FAD D . -16.78 -5.29 6.87
N10 FAD D . -15.76 -5.86 7.56
C10 FAD D . -14.76 -5.09 8.07
C1' FAD D . -15.73 -7.26 7.75
C2' FAD D . -14.86 -8.12 6.73
O2' FAD D . -15.10 -7.63 5.43
C3' FAD D . -14.94 -9.66 6.76
O3' FAD D . -14.83 -10.11 8.03
C4' FAD D . -13.83 -10.26 5.97
O4' FAD D . -13.96 -10.03 4.51
C5' FAD D . -13.59 -11.76 6.24
O5' FAD D . -13.47 -12.64 5.11
P FAD D . -14.15 -14.02 5.20
O1P FAD D . -13.34 -14.71 4.02
O2P FAD D . -14.22 -14.71 6.61
O3P FAD D . -15.54 -13.77 4.40
N1 UDP E . -24.90 1.72 15.59
C2 UDP E . -25.86 2.68 15.85
N3 UDP E . -25.67 3.98 15.44
C4 UDP E . -24.56 4.32 14.69
C5 UDP E . -23.60 3.34 14.43
C6 UDP E . -23.70 2.10 15.06
O2 UDP E . -26.90 2.37 16.42
O4 UDP E . -24.42 5.46 14.24
C1' UDP E . -25.15 0.34 16.01
C2' UDP E . -25.88 -0.42 14.93
O2' UDP E . -26.80 -1.31 15.54
C3' UDP E . -24.81 -1.24 14.25
C4' UDP E . -23.84 -1.49 15.40
O4' UDP E . -23.92 -0.34 16.22
O3' UDP E . -25.33 -2.44 13.76
C5' UDP E . -22.41 -1.68 14.92
O5' UDP E . -21.97 -0.51 14.27
PA UDP E . -20.77 -0.61 13.21
O1A UDP E . -19.58 -1.23 13.84
O2A UDP E . -20.45 0.74 12.66
O3A UDP E . -21.37 -1.64 12.13
PB UDP E . -20.69 -1.91 10.70
O1B UDP E . -21.71 -1.75 9.64
O2B UDP E . -20.16 -3.29 10.72
O3B UDP E . -19.58 -0.97 10.44
PA FAD F . 0.26 -21.11 -28.69
O1A FAD F . 0.37 -19.65 -29.13
O2A FAD F . 0.48 -21.48 -27.16
O5B FAD F . -1.23 -21.20 -29.29
C5B FAD F . -2.10 -22.14 -28.79
C4B FAD F . -3.50 -21.66 -28.34
O4B FAD F . -4.53 -22.57 -28.68
C3B FAD F . -3.59 -21.46 -26.86
O3B FAD F . -3.58 -20.11 -26.54
C2B FAD F . -4.82 -21.95 -26.45
O2B FAD F . -5.66 -20.99 -25.79
C1B FAD F . -5.53 -22.39 -27.75
N9A FAD F . -6.22 -23.63 -27.61
C8A FAD F . -5.68 -24.81 -27.30
N7A FAD F . -6.65 -25.75 -27.26
C5A FAD F . -7.81 -25.15 -27.54
C6A FAD F . -9.11 -25.61 -27.64
N6A FAD F . -9.41 -26.93 -27.43
N1A FAD F . -10.10 -24.75 -27.95
C2A FAD F . -9.81 -23.44 -28.16
N3A FAD F . -8.56 -22.97 -28.08
C4A FAD F . -7.55 -23.81 -27.76
N1 FAD F . 9.50 -17.64 -29.07
C2 FAD F . 10.36 -16.59 -29.58
O2 FAD F . 10.46 -16.43 -30.78
N3 FAD F . 11.08 -15.75 -28.69
C4 FAD F . 10.95 -15.93 -27.30
O4 FAD F . 11.56 -15.21 -26.52
C4X FAD F . 10.07 -16.99 -26.77
N5 FAD F . 9.96 -17.17 -25.44
C5X FAD F . 9.16 -18.14 -24.96
C6 FAD F . 9.05 -18.29 -23.57
C7 FAD F . 8.24 -19.29 -23.04
C7M FAD F . 8.13 -19.44 -21.47
C8 FAD F . 7.53 -20.12 -23.87
C8M FAD F . 6.67 -21.18 -23.31
C9 FAD F . 7.63 -19.96 -25.25
C9A FAD F . 8.46 -18.96 -25.79
N10 FAD F . 8.56 -18.81 -27.13
C10 FAD F . 9.37 -17.82 -27.65
C1' FAD F . 7.85 -19.66 -28.01
C2' FAD F . 6.47 -19.15 -28.61
O2' FAD F . 5.66 -18.64 -27.55
C3' FAD F . 5.63 -20.10 -29.50
O3' FAD F . 6.21 -20.19 -30.72
C4' FAD F . 4.26 -19.58 -29.71
O4' FAD F . 3.37 -19.84 -28.55
C5' FAD F . 3.61 -20.08 -31.02
O5' FAD F . 2.19 -20.05 -31.12
P FAD F . 1.45 -21.38 -31.32
O1P FAD F . 0.02 -20.74 -31.61
O2P FAD F . 2.04 -22.42 -32.35
O3P FAD F . 1.18 -21.86 -29.80
N1 UDP G . 20.07 -24.32 -20.72
C2 UDP G . 20.91 -24.58 -19.67
N3 UDP G . 21.43 -23.54 -18.92
C4 UDP G . 21.03 -22.24 -19.17
C5 UDP G . 20.16 -21.99 -20.23
C6 UDP G . 19.85 -23.03 -21.11
O2 UDP G . 21.20 -25.73 -19.39
O4 UDP G . 21.42 -21.32 -18.44
C1' UDP G . 19.58 -25.45 -21.53
C2' UDP G . 18.32 -26.02 -20.91
O2' UDP G . 18.32 -27.42 -21.09
C3' UDP G . 17.21 -25.43 -21.76
C4' UDP G . 17.88 -25.29 -23.11
O4' UDP G . 19.24 -25.01 -22.82
O3' UDP G . 16.12 -26.31 -21.83
C5' UDP G . 17.29 -24.16 -23.93
O5' UDP G . 17.49 -22.94 -23.27
PA UDP G . 16.54 -21.70 -23.64
O1A UDP G . 16.60 -21.44 -25.09
O2A UDP G . 16.91 -20.50 -22.85
O3A UDP G . 15.09 -22.29 -23.29
PB UDP G . 13.77 -21.39 -23.21
O1B UDP G . 13.11 -21.60 -21.90
O2B UDP G . 12.88 -21.79 -24.33
O3B UDP G . 14.09 -19.95 -23.35
PA FAD H . 15.29 28.97 23.14
O1A FAD H . 15.22 27.43 23.12
O2A FAD H . 14.35 29.77 24.13
O5B FAD H . 16.86 28.90 23.46
C5B FAD H . 17.46 29.96 24.09
C4B FAD H . 18.31 29.68 25.35
O4B FAD H . 19.47 30.49 25.41
C3B FAD H . 17.55 29.91 26.62
O3B FAD H . 17.18 28.71 27.22
C2B FAD H . 18.43 30.54 27.50
O2B FAD H . 18.65 29.84 28.72
C1B FAD H . 19.77 30.64 26.76
N9A FAD H . 20.40 31.90 26.91
C8A FAD H . 19.90 33.08 26.51
N7A FAD H . 20.78 34.06 26.83
C5A FAD H . 21.83 33.48 27.42
C6A FAD H . 23.01 33.98 27.95
N6A FAD H . 23.27 35.32 27.91
N1A FAD H . 23.90 33.13 28.50
C2A FAD H . 23.64 31.81 28.53
N3A FAD H . 22.51 31.31 28.03
C4A FAD H . 21.60 32.12 27.48
N1 FAD H . 7.72 24.88 18.60
C2 FAD H . 7.21 23.71 17.93
O2 FAD H . 7.79 23.26 16.96
N3 FAD H . 6.03 23.08 18.40
C4 FAD H . 5.34 23.60 19.52
O4 FAD H . 4.33 23.06 19.93
C4X FAD H . 5.87 24.79 20.20
N5 FAD H . 5.22 25.30 21.27
C5X FAD H . 5.71 26.39 21.89
C6 FAD H . 5.01 26.89 23.00
C7 FAD H . 5.47 28.02 23.67
C7M FAD H . 4.67 28.55 24.93
C8 FAD H . 6.61 28.65 23.24
C8M FAD H . 7.11 29.85 23.93
C9 FAD H . 7.30 28.16 22.14
C9A FAD H . 6.83 27.01 21.47
N10 FAD H . 7.50 26.53 20.39
C10 FAD H . 7.03 25.41 19.74
C1' FAD H . 8.67 27.17 19.93
C2' FAD H . 10.07 26.64 20.49
O2' FAD H . 9.99 26.54 21.91
C3' FAD H . 11.38 27.32 20.08
O3' FAD H . 11.33 27.68 18.78
C4' FAD H . 12.53 26.39 20.24
O4' FAD H . 12.79 26.04 21.66
C5' FAD H . 13.84 26.88 19.59
O5' FAD H . 14.95 27.10 20.47
P FAD H . 15.76 28.41 20.32
O1P FAD H . 17.09 27.87 21.02
O2P FAD H . 15.87 29.05 18.89
O3P FAD H . 15.21 29.32 21.55
N1 UDP I . -5.22 32.54 17.82
C2 UDP I . -6.49 32.96 18.14
N3 UDP I . -7.39 32.09 18.72
C4 UDP I . -7.00 30.80 19.02
C5 UDP I . -5.70 30.39 18.72
C6 UDP I . -4.89 31.22 17.96
O2 UDP I . -6.84 34.11 17.91
O4 UDP I . -7.80 30.01 19.55
C1' UDP I . -4.28 33.51 17.24
C2' UDP I . -3.56 34.26 18.33
O2' UDP I . -3.38 35.59 17.92
C3' UDP I . -2.22 33.58 18.43
C4' UDP I . -1.99 33.09 17.01
O4' UDP I . -3.28 32.82 16.50
O3' UDP I . -1.22 34.49 18.81
C5' UDP I . -1.12 31.84 16.97
O5' UDP I . -1.76 30.79 17.66
PA UDP I . -0.89 29.54 18.16
O1A UDP I . -0.17 28.94 17.02
O2A UDP I . -1.75 28.54 18.83
O3A UDP I . 0.19 30.24 19.11
PB UDP I . 1.15 29.43 20.10
O1B UDP I . 1.01 29.95 21.48
O2B UDP I . 2.54 29.60 19.62
O3B UDP I . 0.82 27.99 20.11
#